data_8IV5
#
_entry.id   8IV5
#
_cell.length_a   1.00
_cell.length_b   1.00
_cell.length_c   1.00
_cell.angle_alpha   90.00
_cell.angle_beta   90.00
_cell.angle_gamma   90.00
#
_symmetry.space_group_name_H-M   'P 1'
#
loop_
_entity.id
_entity.type
_entity.pdbx_description
1 polymer 'Spike protein S1'
2 polymer 'light chain of 8H12'
3 polymer 'heavy chain of 8H12'
4 polymer 'light chain of 1C4'
5 polymer 'heavy chain of 1C4'
6 branched beta-D-mannopyranose-(1-4)-2-acetamido-2-deoxy-beta-D-glucopyranose-(1-4)-2-acetamido-2-deoxy-beta-D-glucopyranose
#
loop_
_entity_poly.entity_id
_entity_poly.type
_entity_poly.pdbx_seq_one_letter_code
_entity_poly.pdbx_strand_id
1 'polypeptide(L)'
;ESIVRFPNITNLCPFGEVFNATRFASVYAWNRKRISNCVADYSVLYNSASFSTFKCYGVSPTKLNDLCFTNVYADSFVIR
GDEVRQIAPGQTGKIADYNYKLPDDFTGCVIAWNSNNLDSKVGGNYNYLYRLFRKSNLKPFERDISTEIYQAGSTPCNGV
EGFNCYFPLQSYGFQPTNGVGYQPYRVVVLSFELLHAPATVCGP
;
G
2 'polypeptide(L)'
;DIVMTQFQKFMSTSVGDRVSITCKASQNVRTAVAWYQQKPGQSPKAMIYLASNRHRGVPDRFTGSGCGTDFTLTISNVQC
EDLADYFCLQHRNYPLTFGGGTKLEIK
;
L
3 'polypeptide(L)'
;EVKLEESGGGLVQPGGSMKLSCAASGFTFSDAWMDWVRQSPEKGLEWVAQIRRKANNHATYYAESVKGRFTISRDDSKSS
VYLQMNSLRAEDTGIYYCIRGMTYAMDFWGQGTSVTVSS
;
H
4 'polypeptide(L)'
;DIVLTQSPATLSVTPGDNVSLSCRASQIISNNLHWYQQKSHESPRLLIKYASQSISGIPSRFSGSGSGTDFTLSINSVET
EDFGMYFCQQSNTWPLTCGSGTKLELN
;
B
5 'polypeptide(L)'
;QIQLVQSGPELKKPGETVKISCKASGYTFTDYGLNWVKQAPGKGLKWMGWINTYSGEPTYNDEFRGRFAFSLETSTITAY
LKINNLKNEDTATYFCARGGNWDWYFDVWGAGTTVTVSS
;
A
#
loop_
_chem_comp.id
_chem_comp.type
_chem_comp.name
_chem_comp.formula
BMA D-saccharide, beta linking beta-D-mannopyranose 'C6 H12 O6'
NAG D-saccharide, beta linking 2-acetamido-2-deoxy-beta-D-glucopyranose 'C8 H15 N O6'
#
# COMPACT_ATOMS: atom_id res chain seq x y z
N THR A 10 25.10 -27.43 14.77
CA THR A 10 23.92 -28.28 14.90
C THR A 10 22.68 -27.46 15.25
N ASN A 11 22.76 -26.15 15.08
CA ASN A 11 21.64 -25.24 15.31
C ASN A 11 20.97 -24.96 13.98
N LEU A 12 19.64 -25.06 13.94
CA LEU A 12 18.92 -24.91 12.69
C LEU A 12 18.81 -23.44 12.33
N CYS A 13 18.76 -23.15 11.03
CA CYS A 13 18.84 -21.79 10.53
C CYS A 13 17.56 -21.01 10.86
N PRO A 14 17.64 -19.66 10.90
CA PRO A 14 16.43 -18.84 11.06
C PRO A 14 15.68 -18.61 9.76
N PHE A 15 15.32 -19.69 9.08
CA PHE A 15 14.28 -19.61 8.07
C PHE A 15 12.91 -19.57 8.71
N GLY A 16 12.82 -19.93 9.99
CA GLY A 16 11.60 -19.72 10.72
C GLY A 16 11.27 -18.25 10.88
N GLU A 17 12.30 -17.41 11.04
CA GLU A 17 12.05 -16.01 11.36
C GLU A 17 11.56 -15.24 10.14
N VAL A 18 12.22 -15.41 9.00
CA VAL A 18 11.96 -14.51 7.88
C VAL A 18 10.73 -14.94 7.11
N PHE A 19 10.21 -16.14 7.39
CA PHE A 19 9.08 -16.63 6.61
C PHE A 19 7.75 -16.27 7.25
N ASN A 20 7.50 -16.71 8.49
CA ASN A 20 6.22 -16.42 9.13
C ASN A 20 6.32 -15.15 10.01
N ALA A 21 6.82 -14.08 9.42
CA ALA A 21 6.94 -12.80 10.10
C ALA A 21 5.65 -12.01 9.90
N THR A 22 5.45 -11.00 10.74
CA THR A 22 4.19 -10.27 10.73
C THR A 22 4.14 -9.24 9.60
N ARG A 23 5.09 -8.32 9.58
CA ARG A 23 5.12 -7.25 8.59
C ARG A 23 6.37 -7.40 7.75
N PHE A 24 6.19 -7.78 6.48
CA PHE A 24 7.28 -7.70 5.52
C PHE A 24 7.47 -6.25 5.11
N ALA A 25 8.72 -5.85 4.95
CA ALA A 25 9.02 -4.48 4.58
C ALA A 25 8.60 -4.23 3.13
N SER A 26 8.17 -3.00 2.85
CA SER A 26 7.73 -2.64 1.51
C SER A 26 8.91 -2.64 0.55
N VAL A 27 8.60 -2.73 -0.74
CA VAL A 27 9.59 -3.14 -1.73
C VAL A 27 10.61 -2.05 -2.02
N TYR A 28 10.32 -0.79 -1.71
CA TYR A 28 11.33 0.25 -1.93
C TYR A 28 12.43 0.21 -0.88
N ALA A 29 12.20 -0.45 0.25
CA ALA A 29 13.24 -0.66 1.27
C ALA A 29 13.07 -2.09 1.80
N TRP A 30 13.72 -3.03 1.15
CA TRP A 30 13.61 -4.45 1.51
C TRP A 30 14.68 -4.82 2.52
N ASN A 31 14.28 -5.58 3.53
CA ASN A 31 15.22 -5.95 4.58
C ASN A 31 16.10 -7.10 4.12
N ARG A 32 17.37 -7.03 4.51
CA ARG A 32 18.43 -7.92 4.05
C ARG A 32 18.93 -8.70 5.25
N LYS A 33 18.42 -9.91 5.43
CA LYS A 33 18.78 -10.72 6.59
C LYS A 33 19.93 -11.65 6.22
N ARG A 34 21.09 -11.42 6.80
CA ARG A 34 22.24 -12.29 6.57
C ARG A 34 22.05 -13.56 7.40
N ILE A 35 22.13 -14.72 6.73
CA ILE A 35 22.00 -16.01 7.39
C ILE A 35 23.31 -16.77 7.19
N SER A 36 23.96 -17.10 8.30
CA SER A 36 25.21 -17.83 8.20
C SER A 36 25.41 -18.66 9.46
N ASN A 37 26.28 -19.67 9.32
CA ASN A 37 26.75 -20.54 10.41
C ASN A 37 25.59 -21.27 11.09
N CYS A 38 24.82 -21.99 10.29
CA CYS A 38 23.75 -22.86 10.78
C CYS A 38 23.53 -23.95 9.76
N VAL A 39 22.63 -24.89 10.09
CA VAL A 39 22.27 -25.97 9.19
C VAL A 39 20.94 -25.66 8.54
N ALA A 40 20.87 -25.81 7.23
CA ALA A 40 19.66 -25.51 6.46
C ALA A 40 18.94 -26.80 6.11
N ASP A 41 17.61 -26.71 6.03
CA ASP A 41 16.78 -27.83 5.59
C ASP A 41 15.65 -27.19 4.80
N TYR A 42 15.73 -27.26 3.47
CA TYR A 42 14.73 -26.68 2.60
C TYR A 42 13.61 -27.65 2.24
N SER A 43 13.53 -28.80 2.92
CA SER A 43 12.43 -29.71 2.67
C SER A 43 11.17 -29.24 3.38
N VAL A 44 11.33 -28.40 4.41
CA VAL A 44 10.17 -27.78 5.03
C VAL A 44 9.74 -26.58 4.20
N LEU A 45 10.57 -26.16 3.24
CA LEU A 45 10.18 -25.08 2.35
C LEU A 45 9.48 -25.62 1.10
N TYR A 46 10.07 -26.62 0.47
CA TYR A 46 9.52 -27.09 -0.80
C TYR A 46 8.24 -27.90 -0.63
N ASN A 47 8.20 -28.80 0.37
CA ASN A 47 7.07 -29.71 0.47
C ASN A 47 5.80 -29.05 0.98
N SER A 48 5.92 -27.89 1.62
CA SER A 48 4.73 -27.12 1.97
C SER A 48 4.13 -26.52 0.70
N ALA A 49 2.89 -26.90 0.40
CA ALA A 49 2.25 -26.53 -0.85
C ALA A 49 1.51 -25.20 -0.75
N SER A 50 1.89 -24.34 0.19
CA SER A 50 1.31 -23.01 0.25
C SER A 50 1.95 -22.06 -0.74
N PHE A 51 3.22 -22.28 -1.08
CA PHE A 51 3.96 -21.37 -1.95
C PHE A 51 3.48 -21.51 -3.38
N SER A 52 2.96 -20.41 -3.93
CA SER A 52 2.48 -20.42 -5.30
C SER A 52 3.62 -20.50 -6.31
N THR A 53 4.74 -19.86 -6.02
CA THR A 53 5.87 -19.81 -6.94
C THR A 53 7.14 -20.19 -6.20
N PHE A 54 7.85 -21.20 -6.70
CA PHE A 54 9.14 -21.61 -6.15
C PHE A 54 10.06 -21.91 -7.32
N LYS A 55 10.80 -20.91 -7.79
CA LYS A 55 11.69 -21.06 -8.91
C LYS A 55 13.12 -20.88 -8.43
N CYS A 56 13.99 -21.83 -8.75
CA CYS A 56 15.39 -21.76 -8.39
C CYS A 56 16.22 -21.69 -9.67
N TYR A 57 17.02 -20.64 -9.79
CA TYR A 57 17.90 -20.43 -10.94
C TYR A 57 19.31 -20.85 -10.57
N GLY A 58 19.83 -21.84 -11.26
CA GLY A 58 21.21 -22.23 -11.10
C GLY A 58 21.47 -23.31 -10.08
N VAL A 59 20.47 -23.67 -9.28
CA VAL A 59 20.52 -24.88 -8.45
C VAL A 59 19.20 -25.62 -8.63
N SER A 60 19.25 -26.94 -8.67
CA SER A 60 18.04 -27.72 -8.79
C SER A 60 17.31 -27.73 -7.44
N PRO A 61 15.97 -27.65 -7.45
CA PRO A 61 15.25 -27.55 -6.18
C PRO A 61 15.26 -28.82 -5.35
N THR A 62 15.38 -29.99 -5.99
CA THR A 62 15.53 -31.22 -5.22
C THR A 62 16.95 -31.35 -4.68
N LYS A 63 17.91 -30.68 -5.32
CA LYS A 63 19.30 -30.77 -4.92
C LYS A 63 19.69 -29.73 -3.87
N LEU A 64 18.72 -29.06 -3.26
CA LEU A 64 19.01 -27.92 -2.38
C LEU A 64 19.63 -28.31 -1.05
N ASN A 65 19.63 -29.59 -0.72
CA ASN A 65 20.11 -30.00 0.60
C ASN A 65 21.64 -30.11 0.65
N ASP A 66 22.22 -31.01 -0.14
CA ASP A 66 23.64 -31.32 -0.03
C ASP A 66 24.45 -30.31 -0.82
N LEU A 67 24.51 -29.09 -0.30
CA LEU A 67 25.28 -28.02 -0.93
C LEU A 67 25.86 -27.14 0.15
N CYS A 68 27.16 -27.29 0.42
CA CYS A 68 27.84 -26.42 1.36
C CYS A 68 27.95 -25.04 0.73
N PHE A 69 27.28 -24.05 1.31
CA PHE A 69 27.37 -22.68 0.80
C PHE A 69 28.52 -21.93 1.48
N THR A 70 28.58 -20.64 1.19
CA THR A 70 29.44 -19.72 1.92
C THR A 70 28.62 -18.75 2.76
N ASN A 71 27.61 -18.14 2.16
CA ASN A 71 26.66 -17.29 2.86
C ASN A 71 25.37 -17.25 2.05
N VAL A 72 24.25 -17.29 2.75
CA VAL A 72 22.93 -17.22 2.13
C VAL A 72 22.21 -15.99 2.67
N TYR A 73 21.83 -15.09 1.76
CA TYR A 73 21.04 -13.93 2.11
C TYR A 73 19.56 -14.23 1.93
N ALA A 74 18.72 -13.30 2.39
CA ALA A 74 17.28 -13.48 2.25
C ALA A 74 16.65 -12.10 2.09
N ASP A 75 16.44 -11.68 0.84
CA ASP A 75 15.66 -10.49 0.55
C ASP A 75 14.19 -10.83 0.77
N SER A 76 13.39 -9.83 1.13
CA SER A 76 11.98 -10.05 1.38
C SER A 76 11.21 -8.76 1.23
N PHE A 77 10.10 -8.81 0.51
CA PHE A 77 9.31 -7.62 0.26
C PHE A 77 7.87 -8.03 -0.05
N VAL A 78 7.06 -7.07 -0.48
CA VAL A 78 5.66 -7.27 -0.83
C VAL A 78 5.37 -6.55 -2.14
N ILE A 79 4.88 -7.30 -3.12
CA ILE A 79 4.53 -6.77 -4.43
C ILE A 79 3.16 -7.28 -4.83
N ARG A 80 2.56 -6.63 -5.83
CA ARG A 80 1.26 -7.05 -6.32
C ARG A 80 1.42 -8.28 -7.20
N GLY A 81 0.29 -8.84 -7.63
CA GLY A 81 0.26 -10.14 -8.27
C GLY A 81 0.89 -10.23 -9.65
N ASP A 82 0.56 -9.31 -10.56
CA ASP A 82 1.09 -9.40 -11.91
C ASP A 82 2.55 -8.95 -12.01
N GLU A 83 3.13 -8.42 -10.96
CA GLU A 83 4.51 -7.96 -10.97
C GLU A 83 5.45 -8.92 -10.28
N VAL A 84 5.00 -10.11 -9.91
CA VAL A 84 5.89 -11.13 -9.37
C VAL A 84 6.68 -11.81 -10.49
N ARG A 85 6.25 -11.61 -11.73
CA ARG A 85 6.96 -12.14 -12.89
C ARG A 85 8.32 -11.48 -13.07
N GLN A 86 8.46 -10.22 -12.64
CA GLN A 86 9.67 -9.46 -12.85
C GLN A 86 10.78 -9.80 -11.86
N ILE A 87 10.51 -10.64 -10.86
CA ILE A 87 11.55 -11.04 -9.89
C ILE A 87 12.20 -12.29 -10.48
N ALA A 88 13.10 -12.06 -11.42
CA ALA A 88 13.76 -13.08 -12.22
C ALA A 88 14.87 -12.39 -13.02
N PRO A 89 15.91 -13.12 -13.42
CA PRO A 89 17.02 -12.45 -14.12
C PRO A 89 16.66 -12.12 -15.56
N GLY A 90 16.57 -10.83 -15.87
CA GLY A 90 16.48 -10.36 -17.23
C GLY A 90 15.26 -9.51 -17.55
N GLN A 91 14.20 -9.58 -16.77
CA GLN A 91 13.01 -8.82 -17.12
C GLN A 91 13.15 -7.35 -16.75
N THR A 92 12.13 -6.58 -17.11
CA THR A 92 12.07 -5.17 -16.81
C THR A 92 10.62 -4.80 -16.49
N GLY A 93 10.43 -3.58 -16.04
CA GLY A 93 9.14 -3.11 -15.55
C GLY A 93 9.35 -2.09 -14.46
N LYS A 94 8.29 -1.69 -13.75
CA LYS A 94 8.47 -0.68 -12.73
C LYS A 94 8.72 -1.29 -11.36
N ILE A 95 8.95 -2.61 -11.31
CA ILE A 95 9.47 -3.22 -10.09
C ILE A 95 10.94 -3.54 -10.28
N ALA A 96 11.28 -4.22 -11.37
CA ALA A 96 12.58 -4.84 -11.51
C ALA A 96 13.71 -3.87 -11.83
N ASP A 97 13.42 -2.63 -12.19
CA ASP A 97 14.51 -1.68 -12.39
C ASP A 97 14.38 -0.41 -11.57
N TYR A 98 13.24 -0.17 -10.94
CA TYR A 98 13.11 0.97 -10.05
C TYR A 98 13.02 0.60 -8.58
N ASN A 99 12.81 -0.67 -8.25
CA ASN A 99 12.67 -1.07 -6.85
C ASN A 99 13.67 -2.14 -6.44
N TYR A 100 13.85 -3.19 -7.25
CA TYR A 100 14.65 -4.36 -6.84
C TYR A 100 15.16 -5.06 -8.09
N LYS A 101 16.46 -4.98 -8.34
CA LYS A 101 17.07 -5.55 -9.54
C LYS A 101 18.00 -6.68 -9.17
N LEU A 102 17.77 -7.85 -9.77
CA LEU A 102 18.50 -9.10 -9.73
C LEU A 102 19.53 -9.15 -10.86
N PRO A 103 20.73 -9.64 -10.59
CA PRO A 103 21.74 -9.74 -11.63
C PRO A 103 21.43 -10.90 -12.57
N ASP A 104 22.01 -10.84 -13.76
CA ASP A 104 21.86 -11.94 -14.71
C ASP A 104 23.00 -12.96 -14.57
N ASP A 105 23.29 -13.32 -13.33
CA ASP A 105 24.07 -14.50 -12.99
C ASP A 105 23.52 -15.11 -11.71
N PHE A 106 22.22 -14.97 -11.48
CA PHE A 106 21.59 -15.25 -10.19
C PHE A 106 21.66 -16.72 -9.86
N THR A 107 21.87 -17.03 -8.58
CA THR A 107 22.13 -18.40 -8.15
C THR A 107 21.32 -18.71 -6.88
N GLY A 108 20.10 -18.20 -6.81
CA GLY A 108 19.27 -18.35 -5.63
C GLY A 108 17.95 -18.97 -5.95
N CYS A 109 16.93 -18.64 -5.16
CA CYS A 109 15.58 -19.14 -5.35
C CYS A 109 14.59 -18.02 -5.05
N VAL A 110 13.44 -18.06 -5.71
CA VAL A 110 12.41 -17.03 -5.56
C VAL A 110 11.15 -17.69 -5.07
N ILE A 111 10.70 -17.32 -3.87
CA ILE A 111 9.55 -17.92 -3.22
C ILE A 111 8.46 -16.86 -3.06
N ALA A 112 7.20 -17.26 -3.22
CA ALA A 112 6.11 -16.31 -3.20
C ALA A 112 4.95 -16.86 -2.38
N TRP A 113 3.87 -16.08 -2.32
CA TRP A 113 2.69 -16.40 -1.54
C TRP A 113 1.43 -15.94 -2.27
N ASN A 114 0.31 -16.02 -1.58
CA ASN A 114 -0.87 -15.21 -1.86
C ASN A 114 -1.35 -14.70 -0.51
N SER A 115 -0.76 -13.61 -0.05
CA SER A 115 -1.13 -13.05 1.24
C SER A 115 -2.20 -11.99 1.03
N ASN A 116 -3.38 -12.46 0.63
CA ASN A 116 -4.56 -11.63 0.61
C ASN A 116 -5.29 -11.68 1.94
N ASN A 117 -4.92 -12.61 2.82
CA ASN A 117 -5.51 -12.71 4.14
C ASN A 117 -4.98 -11.68 5.10
N LEU A 118 -3.75 -11.21 4.93
CA LEU A 118 -3.09 -10.34 5.89
C LEU A 118 -3.01 -8.90 5.42
N ASP A 119 -2.40 -8.66 4.26
CA ASP A 119 -2.09 -7.31 3.82
C ASP A 119 -3.19 -6.73 2.96
N SER A 120 -4.43 -6.79 3.43
CA SER A 120 -5.55 -6.30 2.64
C SER A 120 -6.67 -5.90 3.57
N LYS A 121 -6.86 -4.60 3.75
CA LYS A 121 -7.97 -4.05 4.51
C LYS A 121 -9.11 -3.73 3.55
N VAL A 122 -10.33 -3.63 4.11
CA VAL A 122 -11.51 -3.45 3.29
C VAL A 122 -11.57 -2.03 2.70
N GLY A 123 -10.91 -1.08 3.35
CA GLY A 123 -10.75 0.22 2.74
C GLY A 123 -9.50 0.22 1.88
N GLY A 124 -8.49 0.99 2.29
CA GLY A 124 -7.21 0.92 1.62
C GLY A 124 -6.09 0.61 2.58
N ASN A 125 -5.44 -0.55 2.42
CA ASN A 125 -4.26 -0.88 3.21
C ASN A 125 -3.01 -0.44 2.45
N TYR A 126 -2.85 0.88 2.38
CA TYR A 126 -1.87 1.48 1.48
C TYR A 126 -0.54 1.74 2.17
N ASN A 127 -0.15 0.94 3.15
CA ASN A 127 1.12 1.13 3.83
C ASN A 127 2.29 0.47 3.12
N TYR A 128 2.08 -0.13 1.96
CA TYR A 128 3.15 -0.80 1.21
C TYR A 128 3.51 0.09 0.02
N LEU A 129 4.48 0.98 0.23
CA LEU A 129 4.89 1.92 -0.79
C LEU A 129 5.78 1.22 -1.83
N TYR A 130 5.87 1.83 -3.00
CA TYR A 130 6.74 1.32 -4.05
C TYR A 130 7.19 2.48 -4.92
N ARG A 131 8.44 2.43 -5.36
CA ARG A 131 9.01 3.52 -6.14
C ARG A 131 8.44 3.51 -7.55
N LEU A 132 8.35 4.70 -8.15
CA LEU A 132 7.83 4.83 -9.49
C LEU A 132 8.72 5.60 -10.45
N PHE A 133 9.51 6.55 -9.98
CA PHE A 133 10.33 7.36 -10.86
C PHE A 133 11.76 7.39 -10.38
N ARG A 134 12.69 7.53 -11.31
CA ARG A 134 14.10 7.62 -11.02
C ARG A 134 14.81 8.25 -12.21
N LYS A 135 16.00 8.78 -11.97
CA LYS A 135 16.76 9.40 -13.05
C LYS A 135 17.39 8.35 -13.95
N SER A 136 17.68 7.17 -13.43
CA SER A 136 18.34 6.11 -14.18
C SER A 136 17.76 4.77 -13.73
N ASN A 137 18.44 3.69 -14.09
CA ASN A 137 18.03 2.36 -13.65
C ASN A 137 18.79 1.97 -12.38
N LEU A 138 18.48 0.79 -11.86
CA LEU A 138 19.09 0.32 -10.64
C LEU A 138 20.19 -0.69 -10.93
N LYS A 139 21.22 -0.68 -10.09
CA LYS A 139 22.27 -1.67 -10.12
C LYS A 139 21.73 -3.02 -9.64
N PRO A 140 22.43 -4.12 -9.94
CA PRO A 140 22.09 -5.39 -9.31
C PRO A 140 22.31 -5.36 -7.81
N PHE A 141 21.26 -5.70 -7.05
CA PHE A 141 21.24 -5.76 -5.59
C PHE A 141 21.58 -4.39 -4.98
N GLU A 142 20.73 -3.40 -5.25
CA GLU A 142 20.93 -2.06 -4.72
C GLU A 142 19.59 -1.42 -4.44
N ARG A 143 19.37 -1.03 -3.19
CA ARG A 143 18.16 -0.35 -2.76
C ARG A 143 18.37 1.15 -2.78
N ASP A 144 17.26 1.88 -2.82
CA ASP A 144 17.30 3.34 -2.81
C ASP A 144 16.16 3.86 -1.96
N ILE A 145 16.46 4.18 -0.70
CA ILE A 145 15.48 4.72 0.22
C ILE A 145 15.31 6.23 0.09
N SER A 146 16.09 6.86 -0.79
CA SER A 146 16.06 8.31 -0.93
C SER A 146 14.75 8.76 -1.57
N THR A 147 14.05 9.67 -0.89
CA THR A 147 12.76 10.20 -1.36
C THR A 147 13.00 11.63 -1.84
N GLU A 148 13.42 11.74 -3.09
CA GLU A 148 13.76 13.03 -3.69
C GLU A 148 12.70 13.40 -4.72
N ILE A 149 12.32 14.67 -4.72
CA ILE A 149 11.25 15.15 -5.60
C ILE A 149 11.76 15.13 -7.04
N TYR A 150 11.26 14.16 -7.81
CA TYR A 150 11.75 13.90 -9.16
C TYR A 150 11.16 14.93 -10.11
N GLN A 151 12.02 15.71 -10.76
CA GLN A 151 11.54 16.59 -11.80
C GLN A 151 11.43 15.83 -13.11
N ALA A 152 10.66 16.39 -14.05
CA ALA A 152 10.44 15.75 -15.33
C ALA A 152 10.57 16.68 -16.51
N GLY A 153 10.59 17.99 -16.29
CA GLY A 153 10.68 18.93 -17.40
C GLY A 153 12.02 19.64 -17.46
N SER A 154 12.03 20.92 -17.15
CA SER A 154 13.25 21.71 -17.23
C SER A 154 13.59 22.46 -15.94
N THR A 155 12.60 22.81 -15.16
CA THR A 155 12.89 23.64 -14.00
C THR A 155 13.34 22.78 -12.81
N PRO A 156 14.33 23.25 -12.04
CA PRO A 156 14.58 22.70 -10.70
C PRO A 156 13.68 23.38 -9.70
N CYS A 157 12.83 22.60 -9.03
CA CYS A 157 11.64 23.16 -8.39
C CYS A 157 11.68 23.16 -6.87
N ASN A 158 12.82 23.54 -6.27
CA ASN A 158 12.87 24.10 -4.92
C ASN A 158 12.50 23.10 -3.82
N GLY A 159 12.39 21.82 -4.16
CA GLY A 159 11.84 20.86 -3.21
C GLY A 159 10.37 21.03 -2.96
N VAL A 160 9.62 21.53 -3.94
CA VAL A 160 8.20 21.80 -3.81
C VAL A 160 7.45 20.95 -4.82
N GLU A 161 6.39 20.29 -4.38
CA GLU A 161 5.55 19.53 -5.28
C GLU A 161 4.70 20.47 -6.13
N GLY A 162 4.21 19.95 -7.24
CA GLY A 162 3.39 20.73 -8.14
C GLY A 162 3.50 20.21 -9.57
N PHE A 163 3.66 21.13 -10.50
CA PHE A 163 3.79 20.77 -11.91
C PHE A 163 5.20 20.27 -12.18
N ASN A 164 5.30 19.17 -12.93
CA ASN A 164 6.54 18.53 -13.36
C ASN A 164 7.45 18.12 -12.21
N CYS A 165 6.91 17.98 -10.99
CA CYS A 165 7.70 17.59 -9.83
C CYS A 165 6.82 16.69 -8.98
N TYR A 166 7.10 15.39 -9.00
CA TYR A 166 6.22 14.43 -8.38
C TYR A 166 6.96 13.66 -7.30
N PHE A 167 6.22 13.25 -6.28
CA PHE A 167 6.77 12.37 -5.26
C PHE A 167 7.04 11.00 -5.87
N PRO A 168 8.20 10.40 -5.63
CA PRO A 168 8.49 9.13 -6.30
C PRO A 168 7.71 7.95 -5.76
N LEU A 169 7.54 7.85 -4.45
CA LEU A 169 6.87 6.70 -3.85
C LEU A 169 5.36 6.90 -3.89
N GLN A 170 4.72 6.42 -4.95
CA GLN A 170 3.28 6.27 -4.98
C GLN A 170 2.93 4.96 -4.29
N SER A 171 1.86 4.95 -3.52
CA SER A 171 1.58 3.78 -2.71
C SER A 171 0.76 2.75 -3.49
N TYR A 172 0.59 1.58 -2.87
CA TYR A 172 -0.27 0.53 -3.37
C TYR A 172 -1.71 0.74 -2.90
N GLY A 173 -2.57 -0.21 -3.26
CA GLY A 173 -3.91 -0.28 -2.72
C GLY A 173 -4.37 -1.72 -2.78
N PHE A 174 -4.82 -2.27 -1.66
CA PHE A 174 -5.10 -3.70 -1.55
C PHE A 174 -6.50 -3.91 -0.97
N GLN A 175 -7.49 -3.95 -1.82
CA GLN A 175 -8.80 -4.39 -1.37
C GLN A 175 -8.87 -5.92 -1.35
N PRO A 176 -9.75 -6.51 -0.54
CA PRO A 176 -9.90 -7.96 -0.57
C PRO A 176 -10.63 -8.48 -1.79
N THR A 177 -11.34 -7.63 -2.54
CA THR A 177 -12.04 -8.02 -3.76
C THR A 177 -11.47 -7.28 -4.96
N ASN A 178 -10.14 -7.21 -5.04
CA ASN A 178 -9.46 -6.31 -5.95
C ASN A 178 -8.92 -7.01 -7.19
N GLY A 179 -8.96 -8.33 -7.23
CA GLY A 179 -8.54 -9.05 -8.41
C GLY A 179 -7.24 -9.79 -8.20
N VAL A 180 -7.12 -11.00 -8.78
CA VAL A 180 -6.05 -11.92 -8.44
C VAL A 180 -4.71 -11.40 -8.94
N GLY A 181 -4.72 -10.68 -10.08
CA GLY A 181 -3.48 -10.12 -10.60
C GLY A 181 -3.00 -8.90 -9.84
N TYR A 182 -3.83 -8.39 -8.92
CA TYR A 182 -3.50 -7.22 -8.11
C TYR A 182 -3.49 -7.51 -6.61
N GLN A 183 -3.63 -8.77 -6.20
CA GLN A 183 -3.60 -9.11 -4.79
C GLN A 183 -2.18 -9.08 -4.25
N PRO A 184 -1.99 -8.77 -2.94
CA PRO A 184 -0.62 -8.64 -2.42
C PRO A 184 0.11 -9.95 -2.26
N TYR A 185 1.24 -10.09 -2.92
CA TYR A 185 2.03 -11.31 -2.89
C TYR A 185 3.31 -11.05 -2.11
N ARG A 186 3.43 -11.65 -0.93
CA ARG A 186 4.68 -11.59 -0.21
C ARG A 186 5.71 -12.44 -0.94
N VAL A 187 6.91 -11.89 -1.10
CA VAL A 187 7.98 -12.56 -1.81
C VAL A 187 9.20 -12.57 -0.90
N VAL A 188 9.78 -13.76 -0.70
CA VAL A 188 11.09 -13.89 -0.09
C VAL A 188 11.99 -14.57 -1.10
N VAL A 189 13.09 -13.92 -1.44
CA VAL A 189 14.04 -14.43 -2.43
C VAL A 189 15.40 -14.59 -1.77
N LEU A 190 15.91 -15.81 -1.79
CA LEU A 190 17.21 -16.15 -1.24
C LEU A 190 18.24 -15.93 -2.32
N SER A 191 19.49 -15.73 -1.92
CA SER A 191 20.60 -15.56 -2.86
C SER A 191 21.81 -16.29 -2.30
N PHE A 192 22.12 -17.44 -2.89
CA PHE A 192 23.21 -18.27 -2.41
C PHE A 192 24.54 -17.74 -2.91
N GLU A 193 25.62 -18.41 -2.48
CA GLU A 193 26.97 -18.13 -2.93
C GLU A 193 27.84 -19.32 -2.58
N LEU A 194 28.68 -19.76 -3.52
CA LEU A 194 29.37 -21.04 -3.37
C LEU A 194 30.87 -20.98 -3.58
N LEU A 195 31.50 -19.80 -3.53
CA LEU A 195 32.91 -19.71 -3.86
C LEU A 195 33.66 -18.84 -2.85
N HIS A 196 34.99 -19.01 -2.85
CA HIS A 196 35.95 -18.10 -2.19
C HIS A 196 35.78 -18.06 -0.68
N ALA A 197 35.32 -19.17 -0.11
CA ALA A 197 35.13 -19.29 1.34
C ALA A 197 35.01 -20.76 1.68
N PRO A 198 35.29 -21.15 2.93
CA PRO A 198 35.00 -22.52 3.34
C PRO A 198 33.51 -22.76 3.57
N ALA A 199 33.17 -23.97 4.00
CA ALA A 199 31.78 -24.35 4.19
C ALA A 199 31.25 -23.73 5.47
N THR A 200 30.13 -23.00 5.37
CA THR A 200 29.42 -22.52 6.54
C THR A 200 28.03 -23.11 6.66
N VAL A 201 27.19 -22.98 5.64
CA VAL A 201 25.79 -23.39 5.70
C VAL A 201 25.63 -24.68 4.91
N CYS A 202 25.30 -25.77 5.60
CA CYS A 202 24.92 -27.01 4.93
C CYS A 202 24.12 -27.88 5.88
N GLY A 203 23.21 -28.67 5.33
CA GLY A 203 22.41 -29.57 6.14
C GLY A 203 21.49 -30.51 5.38
N ASP B 1 9.96 26.64 -31.11
CA ASP B 1 9.42 25.86 -30.01
C ASP B 1 9.31 24.39 -30.37
N ILE B 2 8.94 23.57 -29.40
CA ILE B 2 8.78 22.14 -29.61
C ILE B 2 7.51 21.89 -30.40
N VAL B 3 7.62 21.25 -31.55
CA VAL B 3 6.48 20.82 -32.34
C VAL B 3 6.50 19.30 -32.43
N MET B 4 5.37 18.69 -32.11
CA MET B 4 5.23 17.24 -32.24
C MET B 4 4.64 16.93 -33.61
N THR B 5 5.23 15.95 -34.28
CA THR B 5 4.74 15.50 -35.57
C THR B 5 3.93 14.23 -35.36
N GLN B 6 2.68 14.24 -35.84
CA GLN B 6 1.82 13.07 -35.83
C GLN B 6 1.16 13.06 -37.20
N PHE B 7 1.73 12.30 -38.12
CA PHE B 7 1.43 12.38 -39.54
C PHE B 7 0.47 11.30 -40.00
N GLN B 8 0.10 10.37 -39.12
CA GLN B 8 -1.01 9.47 -39.38
C GLN B 8 -2.30 10.22 -39.10
N LYS B 9 -3.09 10.49 -40.13
CA LYS B 9 -4.39 11.07 -39.90
C LYS B 9 -5.52 10.05 -39.98
N PHE B 10 -5.34 8.99 -40.77
CA PHE B 10 -6.36 7.95 -40.90
C PHE B 10 -5.70 6.60 -40.75
N MET B 11 -6.10 5.86 -39.72
CA MET B 11 -5.63 4.50 -39.50
C MET B 11 -6.85 3.60 -39.33
N SER B 12 -6.80 2.42 -39.95
CA SER B 12 -7.94 1.53 -40.00
C SER B 12 -7.48 0.08 -39.85
N THR B 13 -7.75 -0.50 -38.69
CA THR B 13 -7.62 -1.93 -38.46
C THR B 13 -8.90 -2.41 -37.80
N SER B 14 -9.27 -3.65 -38.07
CA SER B 14 -10.55 -4.21 -37.64
C SER B 14 -10.46 -4.71 -36.20
N VAL B 15 -11.53 -5.40 -35.78
CA VAL B 15 -11.66 -5.88 -34.41
C VAL B 15 -10.64 -6.97 -34.14
N GLY B 16 -10.05 -6.95 -32.93
CA GLY B 16 -9.11 -7.98 -32.55
C GLY B 16 -7.77 -7.89 -33.24
N ASP B 17 -7.33 -6.69 -33.57
CA ASP B 17 -6.07 -6.52 -34.29
C ASP B 17 -5.14 -5.57 -33.53
N ARG B 18 -4.05 -5.16 -34.18
CA ARG B 18 -3.04 -4.32 -33.55
C ARG B 18 -2.65 -3.20 -34.50
N VAL B 19 -2.59 -1.98 -33.97
CA VAL B 19 -2.09 -0.84 -34.73
C VAL B 19 -1.40 0.10 -33.76
N SER B 20 -0.40 0.81 -34.25
CA SER B 20 0.44 1.66 -33.43
C SER B 20 0.48 3.07 -34.00
N ILE B 21 0.21 4.06 -33.16
CA ILE B 21 0.30 5.46 -33.55
C ILE B 21 1.58 6.03 -32.97
N THR B 22 2.36 6.71 -33.80
CA THR B 22 3.66 7.23 -33.42
C THR B 22 3.63 8.75 -33.38
N CYS B 23 4.41 9.33 -32.47
CA CYS B 23 4.42 10.78 -32.24
C CYS B 23 5.87 11.26 -32.29
N LYS B 24 6.31 11.74 -33.44
CA LYS B 24 7.68 12.24 -33.59
C LYS B 24 7.80 13.63 -32.99
N ALA B 25 8.99 13.95 -32.50
CA ALA B 25 9.24 15.21 -31.82
C ALA B 25 10.30 16.01 -32.56
N SER B 26 10.77 17.08 -31.93
CA SER B 26 11.76 17.97 -32.52
C SER B 26 12.87 18.37 -31.56
N GLN B 27 12.77 18.05 -30.28
CA GLN B 27 13.81 18.35 -29.31
C GLN B 27 13.86 17.24 -28.29
N ASN B 28 14.71 17.42 -27.29
CA ASN B 28 14.96 16.38 -26.29
C ASN B 28 13.87 16.43 -25.22
N VAL B 29 12.68 15.98 -25.57
CA VAL B 29 11.63 15.74 -24.60
C VAL B 29 11.88 14.35 -24.01
N ARG B 30 12.26 14.32 -22.73
CA ARG B 30 12.92 13.14 -22.18
C ARG B 30 11.94 12.00 -21.98
N THR B 31 10.99 12.18 -21.08
CA THR B 31 9.96 11.18 -20.84
C THR B 31 8.62 11.83 -20.59
N ALA B 32 8.53 13.13 -20.80
CA ALA B 32 7.36 13.90 -20.39
C ALA B 32 6.46 14.14 -21.58
N VAL B 33 5.81 13.07 -22.04
CA VAL B 33 4.78 13.17 -23.06
C VAL B 33 3.54 12.52 -22.47
N ALA B 34 2.39 12.84 -23.03
CA ALA B 34 1.13 12.28 -22.56
C ALA B 34 0.23 11.96 -23.75
N TRP B 35 -0.60 10.94 -23.59
CA TRP B 35 -1.43 10.42 -24.66
C TRP B 35 -2.90 10.57 -24.30
N TYR B 36 -3.69 11.11 -25.22
CA TYR B 36 -5.06 11.50 -24.93
C TYR B 36 -6.02 10.88 -25.94
N GLN B 37 -7.03 10.19 -25.45
CA GLN B 37 -8.10 9.63 -26.29
C GLN B 37 -9.30 10.56 -26.26
N GLN B 38 -9.89 10.80 -27.43
CA GLN B 38 -11.08 11.64 -27.53
C GLN B 38 -12.14 10.92 -28.35
N LYS B 39 -13.14 10.39 -27.68
CA LYS B 39 -14.29 9.93 -28.42
C LYS B 39 -15.09 11.12 -28.94
N PRO B 40 -15.69 11.03 -30.12
CA PRO B 40 -16.29 12.23 -30.74
C PRO B 40 -17.52 12.73 -30.00
N GLY B 41 -17.61 14.05 -29.88
CA GLY B 41 -18.67 14.70 -29.14
C GLY B 41 -18.40 14.92 -27.67
N GLN B 42 -17.25 14.51 -27.17
CA GLN B 42 -16.95 14.60 -25.75
C GLN B 42 -15.63 15.33 -25.51
N SER B 43 -15.17 15.29 -24.32
CA SER B 43 -13.87 15.85 -24.00
C SER B 43 -12.80 14.80 -24.15
N PRO B 44 -11.59 15.19 -24.56
CA PRO B 44 -10.47 14.23 -24.64
C PRO B 44 -10.08 13.72 -23.26
N LYS B 45 -10.17 12.41 -23.08
CA LYS B 45 -9.82 11.78 -21.82
C LYS B 45 -8.31 11.56 -21.74
N ALA B 46 -7.89 10.98 -20.64
CA ALA B 46 -6.47 10.77 -20.38
C ALA B 46 -6.14 9.28 -20.39
N MET B 47 -5.07 8.93 -21.10
CA MET B 47 -4.65 7.54 -21.23
C MET B 47 -3.31 7.27 -20.55
N ILE B 48 -2.27 7.97 -20.96
CA ILE B 48 -0.90 7.70 -20.54
C ILE B 48 -0.30 9.00 -20.02
N TYR B 49 0.29 8.95 -18.82
CA TYR B 49 1.03 10.09 -18.28
C TYR B 49 2.48 9.70 -18.06
N LEU B 50 3.38 10.61 -18.45
CA LEU B 50 4.83 10.42 -18.44
C LEU B 50 5.26 9.19 -19.25
N ALA B 51 4.57 8.99 -20.39
CA ALA B 51 5.00 8.19 -21.53
C ALA B 51 5.03 6.69 -21.31
N SER B 52 4.87 6.22 -20.09
CA SER B 52 4.76 4.77 -19.89
C SER B 52 3.74 4.37 -18.84
N ASN B 53 3.38 5.23 -17.90
CA ASN B 53 2.45 4.85 -16.85
C ASN B 53 1.02 4.87 -17.38
N ARG B 54 0.10 4.35 -16.57
CA ARG B 54 -1.28 4.18 -17.01
C ARG B 54 -2.21 4.72 -15.95
N HIS B 55 -3.32 5.31 -16.41
CA HIS B 55 -4.31 5.86 -15.50
C HIS B 55 -5.12 4.73 -14.85
N ARG B 56 -5.98 5.10 -13.91
CA ARG B 56 -6.89 4.14 -13.31
C ARG B 56 -8.23 4.16 -14.03
N GLY B 57 -8.87 3.01 -14.13
CA GLY B 57 -10.14 2.89 -14.81
C GLY B 57 -10.04 2.60 -16.29
N VAL B 58 -8.84 2.63 -16.86
CA VAL B 58 -8.62 2.39 -18.27
C VAL B 58 -8.22 0.92 -18.43
N PRO B 59 -8.62 0.24 -19.50
CA PRO B 59 -8.22 -1.16 -19.67
C PRO B 59 -6.73 -1.32 -19.93
N ASP B 60 -6.29 -2.57 -19.83
CA ASP B 60 -4.87 -2.91 -19.92
C ASP B 60 -4.39 -3.14 -21.34
N ARG B 61 -5.20 -2.80 -22.33
CA ARG B 61 -4.73 -2.91 -23.72
C ARG B 61 -3.89 -1.70 -24.11
N PHE B 62 -4.09 -0.57 -23.45
CA PHE B 62 -3.37 0.66 -23.76
C PHE B 62 -2.00 0.61 -23.10
N THR B 63 -1.00 0.19 -23.86
CA THR B 63 0.38 0.17 -23.38
C THR B 63 1.20 1.06 -24.30
N GLY B 64 1.49 2.27 -23.84
CA GLY B 64 2.33 3.20 -24.57
C GLY B 64 3.72 3.24 -23.96
N SER B 65 4.73 3.42 -24.81
CA SER B 65 6.10 3.43 -24.31
C SER B 65 6.97 4.20 -25.28
N GLY B 66 8.22 4.37 -24.89
CA GLY B 66 9.21 5.06 -25.69
C GLY B 66 9.89 6.15 -24.88
N CYS B 67 11.13 6.45 -25.26
CA CYS B 67 11.88 7.55 -24.67
C CYS B 67 12.73 8.17 -25.76
N GLY B 68 13.48 9.20 -25.39
CA GLY B 68 14.35 9.87 -26.34
C GLY B 68 13.70 11.05 -27.01
N THR B 69 13.15 10.84 -28.20
CA THR B 69 12.31 11.82 -28.89
C THR B 69 11.01 11.22 -29.40
N ASP B 70 11.04 9.98 -29.89
CA ASP B 70 9.94 9.43 -30.68
C ASP B 70 9.22 8.36 -29.89
N PHE B 71 7.98 8.64 -29.52
CA PHE B 71 7.15 7.75 -28.70
C PHE B 71 6.12 7.06 -29.57
N THR B 72 5.48 6.03 -29.00
CA THR B 72 4.39 5.34 -29.68
C THR B 72 3.42 4.78 -28.66
N LEU B 73 2.19 4.55 -29.13
CA LEU B 73 1.12 3.97 -28.31
C LEU B 73 0.57 2.76 -29.05
N THR B 74 0.81 1.58 -28.49
CA THR B 74 0.41 0.32 -29.11
C THR B 74 -0.81 -0.23 -28.40
N ILE B 75 -1.91 -0.38 -29.14
CA ILE B 75 -3.13 -0.98 -28.61
C ILE B 75 -3.17 -2.44 -29.03
N SER B 76 -3.83 -3.25 -28.22
CA SER B 76 -3.99 -4.67 -28.48
C SER B 76 -5.47 -5.02 -28.51
N ASN B 77 -5.83 -5.85 -29.49
CA ASN B 77 -7.19 -6.34 -29.79
C ASN B 77 -8.25 -5.25 -29.68
N VAL B 78 -8.12 -4.25 -30.55
CA VAL B 78 -8.96 -3.06 -30.50
C VAL B 78 -10.41 -3.41 -30.82
N GLN B 79 -11.31 -3.00 -29.94
CA GLN B 79 -12.72 -3.34 -30.04
C GLN B 79 -13.44 -2.30 -30.91
N CYS B 80 -14.76 -2.31 -30.87
CA CYS B 80 -15.56 -1.26 -31.46
C CYS B 80 -15.73 -0.08 -30.50
N GLU B 81 -15.34 -0.25 -29.23
CA GLU B 81 -15.40 0.86 -28.28
C GLU B 81 -14.35 1.92 -28.58
N ASP B 82 -13.18 1.51 -29.08
CA ASP B 82 -12.05 2.41 -29.22
C ASP B 82 -12.01 3.11 -30.57
N LEU B 83 -13.17 3.38 -31.17
CA LEU B 83 -13.26 4.21 -32.36
C LEU B 83 -13.14 5.67 -31.92
N ALA B 84 -11.91 6.15 -31.81
CA ALA B 84 -11.66 7.48 -31.28
C ALA B 84 -10.35 8.04 -31.80
N ASP B 85 -10.08 9.30 -31.49
CA ASP B 85 -8.91 10.00 -31.97
C ASP B 85 -7.88 10.16 -30.86
N TYR B 86 -6.61 10.06 -31.21
CA TYR B 86 -5.55 9.88 -30.22
C TYR B 86 -4.52 11.00 -30.36
N PHE B 87 -4.51 11.92 -29.40
CA PHE B 87 -3.59 13.04 -29.38
C PHE B 87 -2.41 12.76 -28.46
N CYS B 88 -1.22 13.21 -28.85
CA CYS B 88 -0.03 13.10 -28.03
C CYS B 88 0.40 14.49 -27.61
N LEU B 89 0.62 14.68 -26.31
CA LEU B 89 0.91 15.99 -25.74
C LEU B 89 2.20 15.92 -24.95
N GLN B 90 3.15 16.81 -25.26
CA GLN B 90 4.42 16.87 -24.58
C GLN B 90 4.41 17.95 -23.51
N HIS B 91 5.21 17.76 -22.45
CA HIS B 91 5.41 18.83 -21.49
C HIS B 91 6.89 18.88 -21.10
N ARG B 92 7.67 19.58 -21.92
CA ARG B 92 9.06 19.86 -21.56
C ARG B 92 9.27 21.36 -21.39
N ASN B 93 9.00 22.15 -22.41
CA ASN B 93 9.08 23.59 -22.31
C ASN B 93 7.68 24.15 -22.13
N TYR B 94 7.60 25.39 -21.72
CA TYR B 94 6.33 25.93 -21.29
C TYR B 94 5.32 26.24 -22.40
N PRO B 95 5.71 26.60 -23.64
CA PRO B 95 4.71 26.50 -24.72
C PRO B 95 4.40 25.06 -25.06
N LEU B 96 3.50 24.42 -24.30
CA LEU B 96 3.11 23.04 -24.57
C LEU B 96 2.44 22.95 -25.93
N THR B 97 2.73 21.88 -26.65
CA THR B 97 2.15 21.69 -27.96
C THR B 97 1.61 20.28 -28.08
N PHE B 98 0.39 20.17 -28.62
CA PHE B 98 -0.23 18.90 -28.90
C PHE B 98 0.16 18.44 -30.29
N GLY B 99 0.08 17.13 -30.50
CA GLY B 99 0.33 16.57 -31.80
C GLY B 99 -0.79 16.85 -32.78
N GLY B 100 -0.75 16.14 -33.91
CA GLY B 100 -1.74 16.37 -34.93
C GLY B 100 -3.09 15.76 -34.60
N GLY B 101 -3.11 14.47 -34.36
CA GLY B 101 -4.37 13.75 -34.21
C GLY B 101 -4.44 12.60 -35.19
N THR B 102 -5.11 11.52 -34.80
CA THR B 102 -5.21 10.34 -35.64
C THR B 102 -6.57 9.74 -35.40
N LYS B 103 -7.47 9.86 -36.37
CA LYS B 103 -8.81 9.32 -36.22
C LYS B 103 -8.88 7.90 -36.77
N LEU B 104 -9.69 7.09 -36.12
CA LEU B 104 -9.72 5.65 -36.32
C LEU B 104 -11.11 5.22 -36.77
N GLU B 105 -11.17 4.35 -37.78
CA GLU B 105 -12.43 3.73 -38.17
C GLU B 105 -12.16 2.26 -38.49
N ILE B 106 -13.16 1.44 -38.29
CA ILE B 106 -13.03 0.00 -38.30
C ILE B 106 -13.54 -0.55 -39.63
N LYS B 107 -12.94 -1.65 -40.07
CA LYS B 107 -13.35 -2.31 -41.31
C LYS B 107 -14.68 -3.03 -41.16
N GLU C 1 -17.21 12.12 -6.10
CA GLU C 1 -17.65 12.80 -7.30
C GLU C 1 -16.83 14.05 -7.56
N VAL C 2 -16.27 14.16 -8.76
CA VAL C 2 -15.55 15.35 -9.20
C VAL C 2 -16.04 15.71 -10.59
N LYS C 3 -16.35 17.00 -10.80
CA LYS C 3 -16.85 17.47 -12.08
C LYS C 3 -16.54 18.94 -12.21
N LEU C 4 -16.36 19.38 -13.46
CA LEU C 4 -16.03 20.75 -13.77
C LEU C 4 -16.98 21.26 -14.84
N GLU C 5 -17.28 22.55 -14.78
CA GLU C 5 -18.18 23.18 -15.74
C GLU C 5 -17.74 24.61 -16.00
N GLU C 6 -17.81 25.00 -17.26
CA GLU C 6 -17.32 26.30 -17.71
C GLU C 6 -18.49 27.26 -17.89
N SER C 7 -18.18 28.46 -18.37
CA SER C 7 -19.19 29.47 -18.64
C SER C 7 -18.68 30.39 -19.74
N GLY C 8 -19.46 31.43 -20.02
CA GLY C 8 -19.05 32.43 -20.99
C GLY C 8 -19.19 31.97 -22.43
N GLY C 9 -20.35 31.42 -22.78
CA GLY C 9 -20.59 31.02 -24.15
C GLY C 9 -21.30 32.08 -24.96
N GLY C 10 -20.56 32.85 -25.74
CA GLY C 10 -21.19 33.91 -26.50
C GLY C 10 -20.36 34.32 -27.69
N LEU C 11 -20.99 35.11 -28.55
CA LEU C 11 -20.34 35.68 -29.72
C LEU C 11 -19.98 37.12 -29.42
N VAL C 12 -18.76 37.52 -29.77
CA VAL C 12 -18.29 38.89 -29.63
C VAL C 12 -17.76 39.35 -30.97
N GLN C 13 -17.91 40.63 -31.28
CA GLN C 13 -17.27 41.16 -32.46
C GLN C 13 -15.76 41.26 -32.19
N PRO C 14 -14.92 41.21 -33.23
CA PRO C 14 -13.46 41.19 -33.01
C PRO C 14 -12.95 42.47 -32.36
N GLY C 15 -12.29 42.30 -31.22
CA GLY C 15 -11.89 43.40 -30.38
C GLY C 15 -12.62 43.50 -29.05
N GLY C 16 -13.47 42.53 -28.73
CA GLY C 16 -14.23 42.57 -27.50
C GLY C 16 -13.46 42.05 -26.31
N SER C 17 -14.21 41.65 -25.30
CA SER C 17 -13.66 41.12 -24.05
C SER C 17 -14.72 40.28 -23.38
N MET C 18 -14.32 39.12 -22.85
CA MET C 18 -15.25 38.20 -22.20
C MET C 18 -14.46 37.24 -21.32
N LYS C 19 -14.91 37.08 -20.09
CA LYS C 19 -14.21 36.29 -19.09
C LYS C 19 -14.89 34.95 -18.94
N LEU C 20 -14.13 33.87 -19.05
CA LEU C 20 -14.67 32.53 -18.85
C LEU C 20 -14.59 32.15 -17.39
N SER C 21 -15.60 31.45 -16.90
CA SER C 21 -15.68 31.08 -15.50
C SER C 21 -15.82 29.57 -15.38
N CYS C 22 -14.81 28.92 -14.80
CA CYS C 22 -14.77 27.48 -14.64
C CYS C 22 -14.85 27.15 -13.16
N ALA C 23 -15.93 26.50 -12.75
CA ALA C 23 -16.15 26.10 -11.37
C ALA C 23 -15.79 24.63 -11.19
N ALA C 24 -15.32 24.30 -10.00
CA ALA C 24 -14.86 22.95 -9.68
C ALA C 24 -15.62 22.41 -8.49
N SER C 25 -15.48 21.12 -8.24
CA SER C 25 -16.21 20.46 -7.16
C SER C 25 -15.50 19.16 -6.78
N GLY C 26 -15.59 18.82 -5.50
CA GLY C 26 -15.34 17.46 -5.07
C GLY C 26 -13.90 17.03 -5.01
N PHE C 27 -12.96 17.95 -4.87
CA PHE C 27 -11.57 17.58 -4.65
C PHE C 27 -10.89 18.67 -3.85
N THR C 28 -9.65 18.41 -3.47
CA THR C 28 -8.84 19.38 -2.75
C THR C 28 -8.43 20.47 -3.74
N PHE C 29 -9.21 21.55 -3.77
CA PHE C 29 -9.04 22.60 -4.77
C PHE C 29 -7.79 23.44 -4.55
N SER C 30 -7.15 23.33 -3.39
CA SER C 30 -5.99 24.16 -3.08
C SER C 30 -4.79 23.75 -3.92
N ASP C 31 -4.35 22.50 -3.80
CA ASP C 31 -3.14 22.03 -4.45
C ASP C 31 -3.49 21.29 -5.74
N ALA C 32 -3.85 22.07 -6.76
CA ALA C 32 -4.12 21.52 -8.08
C ALA C 32 -3.84 22.60 -9.12
N TRP C 33 -3.07 22.26 -10.15
CA TRP C 33 -2.66 23.21 -11.17
C TRP C 33 -3.59 23.07 -12.36
N MET C 34 -4.38 24.11 -12.63
CA MET C 34 -5.47 24.01 -13.59
C MET C 34 -5.19 24.84 -14.82
N ASP C 35 -5.28 24.22 -16.00
CA ASP C 35 -4.90 24.82 -17.27
C ASP C 35 -6.13 25.10 -18.12
N TRP C 36 -5.90 25.50 -19.37
CA TRP C 36 -6.94 25.70 -20.37
C TRP C 36 -6.39 25.31 -21.73
N VAL C 37 -7.10 24.47 -22.48
CA VAL C 37 -6.67 24.08 -23.81
C VAL C 37 -7.65 24.65 -24.84
N ARG C 38 -7.26 24.61 -26.09
CA ARG C 38 -8.05 25.19 -27.18
C ARG C 38 -8.26 24.16 -28.26
N GLN C 39 -9.52 23.96 -28.64
CA GLN C 39 -9.90 23.05 -29.71
C GLN C 39 -10.56 23.82 -30.83
N SER C 40 -10.05 23.65 -32.04
CA SER C 40 -10.63 24.26 -33.23
C SER C 40 -10.36 23.34 -34.40
N PRO C 41 -11.27 23.28 -35.38
CA PRO C 41 -11.05 22.39 -36.53
C PRO C 41 -9.95 22.88 -37.47
N GLU C 42 -9.54 24.13 -37.38
CA GLU C 42 -8.44 24.64 -38.19
C GLU C 42 -7.09 24.38 -37.55
N LYS C 43 -6.98 24.66 -36.25
CA LYS C 43 -5.70 24.63 -35.55
C LYS C 43 -5.40 23.32 -34.88
N GLY C 44 -6.41 22.49 -34.64
CA GLY C 44 -6.21 21.26 -33.89
C GLY C 44 -6.34 21.52 -32.41
N LEU C 45 -5.46 20.93 -31.61
CA LEU C 45 -5.39 21.26 -30.19
C LEU C 45 -4.20 22.17 -29.95
N GLU C 46 -4.44 23.27 -29.25
CA GLU C 46 -3.38 24.14 -28.78
C GLU C 46 -3.43 24.20 -27.26
N TRP C 47 -2.67 25.12 -26.70
CA TRP C 47 -2.67 25.34 -25.27
C TRP C 47 -2.68 26.85 -25.00
N VAL C 48 -3.38 27.24 -23.94
CA VAL C 48 -3.75 28.64 -23.75
C VAL C 48 -3.03 29.27 -22.57
N ALA C 49 -3.27 28.75 -21.38
CA ALA C 49 -2.73 29.35 -20.16
C ALA C 49 -2.60 28.27 -19.10
N GLN C 50 -2.07 28.64 -17.95
CA GLN C 50 -1.90 27.74 -16.83
C GLN C 50 -1.69 28.56 -15.57
N ILE C 51 -2.36 28.19 -14.48
CA ILE C 51 -2.06 28.72 -13.16
C ILE C 51 -1.75 27.53 -12.26
N ARG C 52 -0.86 27.73 -11.30
CA ARG C 52 -0.35 26.63 -10.50
C ARG C 52 -0.93 26.67 -9.10
N ARG C 53 -0.46 25.77 -8.24
CA ARG C 53 -1.09 25.56 -6.94
C ARG C 53 -0.65 26.62 -5.95
N LYS C 54 -1.08 26.48 -4.70
CA LYS C 54 -0.82 27.50 -3.69
C LYS C 54 0.64 27.54 -3.28
N ALA C 55 1.32 26.40 -3.30
CA ALA C 55 2.71 26.33 -2.88
C ALA C 55 3.68 26.92 -3.89
N ASN C 56 3.22 27.37 -5.05
CA ASN C 56 4.07 27.99 -6.05
C ASN C 56 3.58 29.39 -6.40
N ASN C 57 3.12 30.14 -5.41
CA ASN C 57 2.87 31.59 -5.48
C ASN C 57 1.76 31.97 -6.46
N HIS C 58 0.96 30.98 -6.88
CA HIS C 58 -0.04 31.13 -7.94
C HIS C 58 0.57 31.73 -9.21
N ALA C 59 1.63 31.09 -9.70
CA ALA C 59 2.34 31.58 -10.85
C ALA C 59 1.52 31.39 -12.12
N THR C 60 2.01 31.95 -13.22
CA THR C 60 1.25 31.90 -14.46
C THR C 60 2.21 31.75 -15.64
N TYR C 61 1.72 31.09 -16.68
CA TYR C 61 2.48 30.86 -17.90
C TYR C 61 1.53 30.91 -19.08
N TYR C 62 1.93 31.59 -20.15
CA TYR C 62 1.07 31.84 -21.30
C TYR C 62 1.71 31.31 -22.58
N ALA C 63 0.87 31.06 -23.57
CA ALA C 63 1.37 30.72 -24.88
C ALA C 63 1.85 31.98 -25.60
N GLU C 64 2.65 31.78 -26.64
CA GLU C 64 3.30 32.91 -27.31
C GLU C 64 2.35 33.76 -28.12
N SER C 65 1.13 33.30 -28.37
CA SER C 65 0.18 34.04 -29.18
C SER C 65 -0.89 34.76 -28.37
N VAL C 66 -0.96 34.50 -27.07
CA VAL C 66 -1.94 35.16 -26.22
C VAL C 66 -1.25 35.95 -25.10
N LYS C 67 -0.03 36.42 -25.34
CA LYS C 67 0.69 37.19 -24.34
C LYS C 67 0.05 38.57 -24.16
N GLY C 68 -0.20 38.95 -22.92
CA GLY C 68 -0.71 40.27 -22.62
C GLY C 68 -2.16 40.51 -22.98
N ARG C 69 -2.89 39.47 -23.37
CA ARG C 69 -4.30 39.59 -23.68
C ARG C 69 -5.15 38.60 -22.91
N PHE C 70 -4.55 37.71 -22.12
CA PHE C 70 -5.21 36.53 -21.56
C PHE C 70 -4.77 36.40 -20.10
N THR C 71 -5.55 36.92 -19.16
CA THR C 71 -5.17 36.88 -17.76
C THR C 71 -6.00 35.83 -17.03
N ILE C 72 -5.32 34.89 -16.36
CA ILE C 72 -5.98 33.81 -15.63
C ILE C 72 -5.65 33.95 -14.15
N SER C 73 -6.68 33.89 -13.31
CA SER C 73 -6.51 34.04 -11.87
C SER C 73 -7.56 33.23 -11.16
N ARG C 74 -7.19 32.72 -9.99
CA ARG C 74 -8.06 31.84 -9.20
C ARG C 74 -8.17 32.34 -7.76
N ASP C 75 -9.23 31.89 -7.10
CA ASP C 75 -9.40 32.13 -5.66
C ASP C 75 -10.02 30.86 -5.09
N ASP C 76 -9.25 30.17 -4.25
CA ASP C 76 -9.63 28.82 -3.81
C ASP C 76 -10.80 28.82 -2.86
N SER C 77 -11.08 29.93 -2.18
CA SER C 77 -12.23 29.98 -1.28
C SER C 77 -13.53 30.05 -2.06
N LYS C 78 -13.52 30.62 -3.26
CA LYS C 78 -14.69 30.66 -4.12
C LYS C 78 -14.77 29.45 -5.04
N SER C 79 -13.70 28.65 -5.11
CA SER C 79 -13.65 27.36 -5.80
C SER C 79 -13.90 27.51 -7.31
N SER C 80 -13.14 28.40 -7.93
CA SER C 80 -13.23 28.56 -9.37
C SER C 80 -11.94 29.15 -9.92
N VAL C 81 -11.72 28.89 -11.21
CA VAL C 81 -10.58 29.42 -11.95
C VAL C 81 -11.14 30.25 -13.11
N TYR C 82 -10.76 31.53 -13.16
CA TYR C 82 -11.34 32.46 -14.11
C TYR C 82 -10.30 32.84 -15.15
N LEU C 83 -10.63 32.65 -16.42
CA LEU C 83 -9.78 33.07 -17.53
C LEU C 83 -10.39 34.32 -18.13
N GLN C 84 -9.61 35.41 -18.14
CA GLN C 84 -10.06 36.70 -18.64
C GLN C 84 -9.32 36.99 -19.94
N MET C 85 -10.07 37.21 -21.02
CA MET C 85 -9.50 37.48 -22.33
C MET C 85 -9.95 38.85 -22.80
N ASN C 86 -8.99 39.68 -23.22
CA ASN C 86 -9.29 40.97 -23.79
C ASN C 86 -8.58 41.09 -25.13
N SER C 87 -9.09 42.02 -25.96
CA SER C 87 -8.57 42.31 -27.31
C SER C 87 -8.59 41.07 -28.21
N LEU C 88 -9.77 40.45 -28.30
CA LEU C 88 -9.92 39.20 -29.02
C LEU C 88 -9.81 39.42 -30.52
N ARG C 89 -9.41 38.36 -31.23
CA ARG C 89 -9.20 38.40 -32.67
C ARG C 89 -9.99 37.27 -33.34
N ALA C 90 -9.69 37.04 -34.61
CA ALA C 90 -10.36 36.02 -35.40
C ALA C 90 -9.81 34.62 -35.15
N GLU C 91 -8.55 34.49 -34.77
CA GLU C 91 -7.95 33.18 -34.56
C GLU C 91 -8.31 32.58 -33.21
N ASP C 92 -8.89 33.36 -32.30
CA ASP C 92 -9.26 32.87 -30.99
C ASP C 92 -10.63 32.21 -30.96
N THR C 93 -11.17 31.84 -32.10
CA THR C 93 -12.38 31.03 -32.12
C THR C 93 -12.06 29.61 -31.70
N GLY C 94 -13.06 28.90 -31.23
CA GLY C 94 -12.89 27.52 -30.87
C GLY C 94 -13.60 27.22 -29.57
N ILE C 95 -13.32 26.04 -29.03
CA ILE C 95 -13.92 25.54 -27.80
C ILE C 95 -12.82 25.36 -26.78
N TYR C 96 -12.97 25.99 -25.61
CA TYR C 96 -11.99 25.95 -24.55
C TYR C 96 -12.36 24.93 -23.50
N TYR C 97 -11.39 24.17 -23.03
CA TYR C 97 -11.61 23.16 -22.00
C TYR C 97 -10.84 23.54 -20.74
N CYS C 98 -11.53 23.61 -19.62
CA CYS C 98 -10.93 23.85 -18.32
C CYS C 98 -10.70 22.51 -17.63
N ILE C 99 -9.44 22.16 -17.42
CA ILE C 99 -9.07 20.83 -16.97
C ILE C 99 -8.50 20.90 -15.56
N ARG C 100 -8.40 19.72 -14.91
CA ARG C 100 -8.05 19.71 -13.50
C ARG C 100 -6.55 19.79 -13.29
N GLY C 101 -5.81 18.81 -13.78
CA GLY C 101 -4.37 18.86 -13.69
C GLY C 101 -3.76 18.09 -14.85
N MET C 102 -2.95 18.77 -15.64
CA MET C 102 -2.48 18.21 -16.90
C MET C 102 -1.24 17.37 -16.68
N THR C 103 -1.08 16.34 -17.53
CA THR C 103 0.15 15.55 -17.66
C THR C 103 0.55 14.86 -16.36
N TYR C 104 -0.43 14.45 -15.58
CA TYR C 104 -0.21 13.64 -14.38
C TYR C 104 -1.51 12.89 -14.12
N ALA C 105 -1.65 12.30 -12.94
CA ALA C 105 -2.92 11.76 -12.52
C ALA C 105 -3.87 12.90 -12.16
N MET C 106 -5.09 12.50 -11.80
CA MET C 106 -6.22 13.40 -11.57
C MET C 106 -6.49 14.29 -12.79
N ASP C 107 -6.28 13.72 -13.98
CA ASP C 107 -6.29 14.50 -15.21
C ASP C 107 -7.72 14.54 -15.74
N PHE C 108 -8.56 15.24 -15.00
CA PHE C 108 -9.95 15.37 -15.42
C PHE C 108 -10.12 16.54 -16.36
N TRP C 109 -11.06 16.42 -17.28
CA TRP C 109 -11.35 17.45 -18.25
C TRP C 109 -12.80 17.87 -18.16
N GLY C 110 -13.08 19.11 -18.56
CA GLY C 110 -14.42 19.63 -18.49
C GLY C 110 -15.31 19.15 -19.62
N GLN C 111 -16.12 20.06 -20.17
CA GLN C 111 -16.97 19.67 -21.29
C GLN C 111 -16.85 20.67 -22.43
N GLY C 112 -16.50 21.91 -22.10
CA GLY C 112 -16.25 22.88 -23.15
C GLY C 112 -17.18 24.07 -23.17
N THR C 113 -16.76 25.10 -23.91
CA THR C 113 -17.53 26.32 -24.10
C THR C 113 -17.00 26.97 -25.36
N SER C 114 -17.88 27.20 -26.34
CA SER C 114 -17.46 27.77 -27.61
C SER C 114 -17.50 29.29 -27.54
N VAL C 115 -16.44 29.91 -28.07
CA VAL C 115 -16.38 31.35 -28.21
C VAL C 115 -15.96 31.67 -29.64
N THR C 116 -16.82 32.37 -30.37
CA THR C 116 -16.62 32.54 -31.80
C THR C 116 -16.92 33.98 -32.17
N VAL C 117 -16.09 34.54 -33.04
CA VAL C 117 -16.13 35.95 -33.41
C VAL C 117 -16.82 36.09 -34.76
N SER C 118 -17.74 37.04 -34.87
CA SER C 118 -18.47 37.28 -36.11
C SER C 118 -17.81 38.38 -36.94
N ASP D 1 8.33 -20.66 18.25
CA ASP D 1 7.70 -19.71 19.17
C ASP D 1 8.77 -18.99 19.99
N ILE D 2 8.47 -17.76 20.36
CA ILE D 2 9.38 -16.93 21.14
C ILE D 2 8.91 -16.94 22.59
N VAL D 3 9.74 -17.43 23.49
CA VAL D 3 9.38 -17.44 24.90
C VAL D 3 9.79 -16.10 25.52
N LEU D 4 8.97 -15.61 26.45
CA LEU D 4 9.15 -14.29 27.04
C LEU D 4 9.25 -14.46 28.55
N THR D 5 10.45 -14.69 29.06
CA THR D 5 10.63 -14.73 30.50
C THR D 5 10.49 -13.34 31.09
N GLN D 6 10.01 -13.29 32.33
CA GLN D 6 9.83 -12.03 33.05
C GLN D 6 10.38 -12.20 34.45
N SER D 7 11.00 -11.15 34.97
CA SER D 7 11.67 -11.24 36.25
C SER D 7 11.33 -10.05 37.12
N PRO D 8 11.07 -10.26 38.42
CA PRO D 8 10.93 -11.55 39.09
C PRO D 8 9.52 -12.08 38.95
N ALA D 9 9.21 -13.22 39.56
CA ALA D 9 7.89 -13.83 39.39
C ALA D 9 6.81 -13.01 40.06
N THR D 10 7.12 -12.42 41.21
CA THR D 10 6.20 -11.51 41.89
C THR D 10 6.99 -10.45 42.64
N LEU D 11 6.41 -9.28 42.78
CA LEU D 11 7.05 -8.17 43.47
C LEU D 11 6.34 -7.87 44.77
N SER D 12 6.82 -6.83 45.45
CA SER D 12 6.18 -6.28 46.64
C SER D 12 6.57 -4.83 46.73
N VAL D 13 5.58 -3.94 46.66
CA VAL D 13 5.81 -2.51 46.52
C VAL D 13 5.01 -1.81 47.62
N THR D 14 5.36 -0.55 47.89
CA THR D 14 4.60 0.38 48.68
C THR D 14 4.20 1.58 47.83
N PRO D 15 3.09 2.25 48.13
CA PRO D 15 2.72 3.44 47.34
C PRO D 15 3.71 4.58 47.53
N GLY D 16 4.09 5.20 46.42
CA GLY D 16 5.14 6.19 46.41
C GLY D 16 6.48 5.68 45.98
N ASP D 17 6.55 4.46 45.47
CA ASP D 17 7.81 3.83 45.08
C ASP D 17 7.87 3.63 43.58
N ASN D 18 9.09 3.46 43.07
CA ASN D 18 9.34 3.27 41.66
C ASN D 18 10.11 1.97 41.47
N VAL D 19 9.48 0.99 40.82
CA VAL D 19 10.11 -0.28 40.52
C VAL D 19 9.99 -0.54 39.02
N SER D 20 11.04 -1.11 38.45
CA SER D 20 11.13 -1.32 37.01
C SER D 20 11.00 -2.79 36.71
N LEU D 21 10.01 -3.14 35.89
CA LEU D 21 9.79 -4.50 35.45
C LEU D 21 10.72 -4.82 34.28
N SER D 22 10.68 -6.07 33.82
CA SER D 22 11.56 -6.49 32.74
C SER D 22 10.96 -7.68 32.00
N CYS D 23 11.03 -7.65 30.67
CA CYS D 23 10.49 -8.72 29.83
C CYS D 23 11.56 -9.06 28.80
N ARG D 24 12.44 -9.99 29.15
CA ARG D 24 13.53 -10.37 28.24
C ARG D 24 13.00 -11.40 27.26
N ALA D 25 13.12 -11.09 25.96
CA ALA D 25 12.65 -11.98 24.92
C ALA D 25 13.68 -13.07 24.67
N SER D 26 13.48 -13.84 23.61
CA SER D 26 14.43 -14.87 23.21
C SER D 26 15.16 -14.51 21.93
N GLN D 27 14.43 -14.12 20.89
CA GLN D 27 15.03 -13.67 19.65
C GLN D 27 15.33 -12.18 19.73
N ILE D 28 15.64 -11.57 18.60
CA ILE D 28 15.83 -10.12 18.52
C ILE D 28 14.58 -9.57 17.84
N ILE D 29 13.66 -9.05 18.65
CA ILE D 29 12.42 -8.46 18.15
C ILE D 29 12.57 -6.96 18.23
N SER D 30 12.33 -6.27 17.12
CA SER D 30 12.62 -4.83 17.04
C SER D 30 11.39 -4.05 17.50
N ASN D 31 11.34 -3.79 18.81
CA ASN D 31 10.30 -3.05 19.54
C ASN D 31 8.89 -3.41 19.11
N ASN D 32 8.64 -4.70 18.97
CA ASN D 32 7.32 -5.20 18.63
C ASN D 32 6.63 -5.81 19.84
N LEU D 33 6.95 -5.32 21.03
CA LEU D 33 6.43 -5.86 22.28
C LEU D 33 5.46 -4.87 22.91
N HIS D 34 4.36 -5.38 23.45
CA HIS D 34 3.40 -4.55 24.16
C HIS D 34 3.27 -5.03 25.60
N TRP D 35 2.66 -4.21 26.44
CA TRP D 35 2.53 -4.49 27.86
C TRP D 35 1.08 -4.41 28.29
N TYR D 36 0.60 -5.44 28.99
CA TYR D 36 -0.77 -5.54 29.45
C TYR D 36 -0.81 -5.63 30.97
N GLN D 37 -1.71 -4.86 31.59
CA GLN D 37 -2.03 -5.12 32.98
C GLN D 37 -3.35 -5.86 33.05
N GLN D 38 -3.53 -6.61 34.12
CA GLN D 38 -4.77 -7.35 34.33
C GLN D 38 -4.97 -7.51 35.82
N LYS D 39 -6.12 -7.07 36.31
CA LYS D 39 -6.47 -7.26 37.70
C LYS D 39 -7.12 -8.64 37.86
N SER D 40 -7.74 -8.89 39.01
CA SER D 40 -8.18 -10.23 39.36
C SER D 40 -9.40 -10.62 38.54
N HIS D 41 -9.21 -11.61 37.65
CA HIS D 41 -10.20 -12.28 36.78
C HIS D 41 -11.16 -11.29 36.09
N GLU D 42 -10.59 -10.47 35.22
CA GLU D 42 -11.37 -9.64 34.33
C GLU D 42 -10.57 -9.42 33.05
N SER D 43 -11.10 -8.56 32.18
CA SER D 43 -10.47 -8.31 30.90
C SER D 43 -9.22 -7.45 31.10
N PRO D 44 -8.09 -7.82 30.48
CA PRO D 44 -6.90 -6.98 30.54
C PRO D 44 -7.06 -5.71 29.71
N ARG D 45 -6.09 -4.82 29.85
CA ARG D 45 -6.05 -3.56 29.12
C ARG D 45 -4.63 -3.30 28.66
N LEU D 46 -4.48 -2.40 27.69
CA LEU D 46 -3.16 -1.99 27.25
C LEU D 46 -2.57 -0.93 28.17
N LEU D 47 -1.24 -0.90 28.20
CA LEU D 47 -0.51 0.20 28.81
C LEU D 47 0.37 0.94 27.81
N ILE D 48 1.22 0.23 27.07
CA ILE D 48 2.06 0.84 26.05
C ILE D 48 2.01 0.00 24.78
N LYS D 49 1.97 0.66 23.64
CA LYS D 49 2.00 0.01 22.33
C LYS D 49 3.37 0.22 21.70
N TYR D 50 3.94 -0.86 21.16
CA TYR D 50 5.27 -0.89 20.56
C TYR D 50 6.36 -0.42 21.52
N ALA D 51 6.17 -0.74 22.80
CA ALA D 51 7.18 -0.72 23.86
C ALA D 51 7.70 0.66 24.26
N SER D 52 7.32 1.72 23.55
CA SER D 52 7.69 3.07 23.97
C SER D 52 6.58 4.09 23.88
N GLN D 53 5.56 3.88 23.04
CA GLN D 53 4.54 4.89 22.82
C GLN D 53 3.53 4.87 23.97
N SER D 54 2.45 5.61 23.83
CA SER D 54 1.45 5.67 24.89
C SER D 54 0.07 5.80 24.28
N ILE D 55 -0.92 5.18 24.92
CA ILE D 55 -2.29 5.23 24.47
C ILE D 55 -3.05 6.27 25.27
N SER D 56 -4.26 6.60 24.81
CA SER D 56 -5.06 7.61 25.46
C SER D 56 -5.69 7.06 26.73
N GLY D 57 -6.15 7.98 27.59
CA GLY D 57 -6.95 7.65 28.76
C GLY D 57 -6.20 7.19 30.00
N ILE D 58 -5.15 6.41 29.80
CA ILE D 58 -4.32 5.85 30.88
C ILE D 58 -3.55 6.96 31.57
N PRO D 59 -3.00 6.75 32.78
CA PRO D 59 -2.13 7.76 33.36
C PRO D 59 -0.82 7.88 32.58
N SER D 60 -0.12 8.99 32.83
CA SER D 60 1.17 9.24 32.21
C SER D 60 2.33 8.80 33.10
N ARG D 61 2.04 8.02 34.13
CA ARG D 61 3.08 7.43 34.98
C ARG D 61 3.48 6.03 34.51
N PHE D 62 2.91 5.54 33.42
CA PHE D 62 3.32 4.27 32.81
C PHE D 62 4.18 4.61 31.60
N SER D 63 5.48 4.60 31.78
CA SER D 63 6.43 4.92 30.72
C SER D 63 7.20 3.67 30.36
N GLY D 64 7.11 3.25 29.10
CA GLY D 64 7.87 2.14 28.61
C GLY D 64 9.17 2.59 27.97
N SER D 65 10.12 1.67 27.89
CA SER D 65 11.44 1.96 27.36
C SER D 65 12.00 0.71 26.71
N GLY D 66 13.29 0.73 26.43
CA GLY D 66 13.99 -0.45 25.94
C GLY D 66 13.74 -0.79 24.49
N SER D 67 14.73 -1.44 23.86
CA SER D 67 14.58 -1.99 22.53
C SER D 67 15.51 -3.18 22.41
N GLY D 68 15.49 -3.83 21.26
CA GLY D 68 16.23 -5.07 21.09
C GLY D 68 15.55 -6.20 21.83
N THR D 69 16.30 -6.99 22.58
CA THR D 69 15.73 -8.12 23.29
C THR D 69 15.25 -7.80 24.69
N ASP D 70 15.89 -6.85 25.37
CA ASP D 70 15.53 -6.49 26.74
C ASP D 70 14.58 -5.30 26.74
N PHE D 71 13.53 -5.40 27.54
CA PHE D 71 12.52 -4.35 27.63
C PHE D 71 12.26 -4.06 29.10
N THR D 72 11.89 -2.82 29.40
CA THR D 72 11.55 -2.40 30.76
C THR D 72 10.27 -1.58 30.73
N LEU D 73 9.35 -1.92 31.62
CA LEU D 73 8.17 -1.10 31.88
C LEU D 73 8.39 -0.41 33.21
N SER D 74 8.56 0.90 33.18
CA SER D 74 8.85 1.66 34.39
C SER D 74 7.57 2.21 34.97
N ILE D 75 7.13 1.66 36.10
CA ILE D 75 5.98 2.20 36.81
C ILE D 75 6.51 3.20 37.84
N ASN D 76 5.88 4.37 37.89
CA ASN D 76 6.35 5.48 38.72
C ASN D 76 5.21 5.98 39.58
N SER D 77 5.48 6.20 40.87
CA SER D 77 4.56 6.82 41.83
C SER D 77 3.25 6.04 41.93
N VAL D 78 3.39 4.74 42.20
CA VAL D 78 2.30 3.79 42.02
C VAL D 78 1.24 3.98 43.10
N GLU D 79 -0.02 4.06 42.68
CA GLU D 79 -1.15 4.21 43.58
C GLU D 79 -1.67 2.83 43.97
N THR D 80 -2.79 2.80 44.70
CA THR D 80 -3.47 1.54 44.99
C THR D 80 -4.20 0.98 43.78
N GLU D 81 -4.42 1.80 42.76
CA GLU D 81 -5.13 1.38 41.56
C GLU D 81 -4.29 0.48 40.67
N ASP D 82 -2.97 0.40 40.90
CA ASP D 82 -2.09 -0.38 40.04
C ASP D 82 -1.65 -1.70 40.67
N PHE D 83 -2.30 -2.14 41.75
CA PHE D 83 -2.22 -3.53 42.15
C PHE D 83 -2.80 -4.41 41.05
N GLY D 84 -2.14 -5.54 40.80
CA GLY D 84 -2.65 -6.45 39.79
C GLY D 84 -1.55 -7.36 39.27
N MET D 85 -1.79 -7.92 38.08
CA MET D 85 -0.82 -8.75 37.40
C MET D 85 -0.53 -8.15 36.04
N TYR D 86 0.76 -8.15 35.66
CA TYR D 86 1.22 -7.48 34.46
C TYR D 86 1.74 -8.49 33.45
N PHE D 87 1.46 -8.24 32.17
CA PHE D 87 1.79 -9.15 31.08
C PHE D 87 2.61 -8.42 30.03
N CYS D 88 3.51 -9.15 29.37
CA CYS D 88 4.14 -8.66 28.15
C CYS D 88 3.86 -9.65 27.03
N GLN D 89 3.84 -9.14 25.80
CA GLN D 89 3.37 -9.93 24.67
C GLN D 89 4.00 -9.42 23.39
N GLN D 90 4.70 -10.29 22.66
CA GLN D 90 5.34 -9.82 21.45
C GLN D 90 4.36 -9.83 20.28
N SER D 91 4.81 -9.30 19.16
CA SER D 91 3.98 -9.24 17.95
C SER D 91 4.78 -9.47 16.68
N ASN D 92 6.05 -9.87 16.78
CA ASN D 92 6.93 -9.85 15.62
C ASN D 92 6.83 -11.11 14.80
N THR D 93 7.17 -12.26 15.37
CA THR D 93 7.04 -13.50 14.63
C THR D 93 5.82 -14.26 15.10
N TRP D 94 5.45 -15.25 14.33
CA TRP D 94 4.27 -16.05 14.61
C TRP D 94 4.64 -17.37 15.25
N PRO D 95 3.80 -17.89 16.16
CA PRO D 95 2.56 -17.31 16.66
C PRO D 95 2.77 -16.28 17.76
N LEU D 96 1.85 -15.33 17.91
CA LEU D 96 1.93 -14.34 18.97
C LEU D 96 1.71 -15.03 20.31
N THR D 97 2.27 -14.46 21.35
CA THR D 97 2.19 -15.08 22.66
C THR D 97 2.39 -14.04 23.74
N CYS D 98 1.65 -14.18 24.83
CA CYS D 98 1.87 -13.34 25.99
C CYS D 98 2.89 -14.00 26.91
N GLY D 99 3.24 -13.30 27.99
CA GLY D 99 4.31 -13.75 28.85
C GLY D 99 3.80 -14.48 30.08
N SER D 100 4.75 -14.95 30.89
CA SER D 100 4.40 -15.68 32.09
C SER D 100 4.01 -14.76 33.24
N GLY D 101 4.26 -13.46 33.10
CA GLY D 101 3.67 -12.48 33.99
C GLY D 101 4.32 -12.28 35.35
N THR D 102 4.30 -11.06 35.85
CA THR D 102 4.74 -10.72 37.20
C THR D 102 3.56 -10.20 37.99
N LYS D 103 3.38 -10.70 39.21
CA LYS D 103 2.28 -10.32 40.06
C LYS D 103 2.73 -9.19 40.97
N LEU D 104 2.07 -8.05 40.87
CA LEU D 104 2.43 -6.86 41.63
C LEU D 104 1.41 -6.65 42.73
N GLU D 105 1.84 -6.80 43.97
CA GLU D 105 0.97 -6.67 45.13
C GLU D 105 1.41 -5.47 45.94
N LEU D 106 0.85 -5.32 47.14
CA LEU D 106 1.14 -4.18 48.00
C LEU D 106 1.57 -4.67 49.37
N ASN D 107 2.58 -4.00 49.93
CA ASN D 107 3.11 -4.34 51.26
C ASN D 107 2.27 -3.77 52.38
N GLN E 1 -19.56 3.74 21.17
CA GLN E 1 -19.27 2.74 22.20
C GLN E 1 -18.65 1.49 21.60
N ILE E 2 -17.36 1.28 21.87
CA ILE E 2 -16.63 0.15 21.35
C ILE E 2 -16.50 -0.86 22.48
N GLN E 3 -17.18 -2.00 22.35
CA GLN E 3 -17.10 -3.05 23.35
C GLN E 3 -17.42 -4.36 22.66
N LEU E 4 -16.94 -5.45 23.26
CA LEU E 4 -17.15 -6.80 22.72
C LEU E 4 -17.80 -7.64 23.81
N VAL E 5 -19.11 -7.80 23.72
CA VAL E 5 -19.88 -8.56 24.69
C VAL E 5 -20.09 -9.97 24.18
N GLN E 6 -20.18 -10.92 25.11
CA GLN E 6 -20.21 -12.33 24.80
C GLN E 6 -21.42 -13.00 25.43
N SER E 7 -21.43 -14.32 25.37
CA SER E 7 -22.49 -15.12 25.97
C SER E 7 -22.05 -15.61 27.35
N GLY E 8 -22.85 -16.49 27.96
CA GLY E 8 -22.69 -16.78 29.36
C GLY E 8 -21.67 -17.87 29.62
N PRO E 9 -21.48 -18.18 30.90
CA PRO E 9 -20.63 -19.31 31.28
C PRO E 9 -21.27 -20.63 30.90
N GLU E 10 -20.42 -21.57 30.49
CA GLU E 10 -20.87 -22.83 29.92
C GLU E 10 -20.45 -23.97 30.82
N LEU E 11 -21.30 -25.00 30.91
CA LEU E 11 -21.04 -26.19 31.70
C LEU E 11 -21.35 -27.40 30.85
N LYS E 12 -20.32 -28.13 30.43
CA LYS E 12 -20.47 -29.22 29.48
C LYS E 12 -19.84 -30.49 30.05
N LYS E 13 -19.99 -31.58 29.29
CA LYS E 13 -19.53 -32.91 29.65
C LYS E 13 -18.44 -33.35 28.68
N PRO E 14 -17.49 -34.19 29.13
CA PRO E 14 -16.41 -34.64 28.23
C PRO E 14 -16.95 -35.49 27.09
N GLY E 15 -16.83 -34.97 25.87
CA GLY E 15 -17.41 -35.57 24.70
C GLY E 15 -18.44 -34.73 24.00
N GLU E 16 -18.77 -33.56 24.55
CA GLU E 16 -19.78 -32.68 24.00
C GLU E 16 -19.08 -31.56 23.23
N THR E 17 -19.86 -30.85 22.42
CA THR E 17 -19.39 -29.67 21.71
C THR E 17 -20.07 -28.43 22.26
N VAL E 18 -19.27 -27.40 22.50
CA VAL E 18 -19.76 -26.13 23.01
C VAL E 18 -19.53 -25.08 21.92
N LYS E 19 -20.31 -24.01 21.98
CA LYS E 19 -20.21 -22.92 21.01
C LYS E 19 -20.41 -21.61 21.74
N ILE E 20 -19.32 -20.90 21.98
CA ILE E 20 -19.35 -19.62 22.67
C ILE E 20 -19.29 -18.50 21.65
N SER E 21 -19.85 -17.34 22.01
CA SER E 21 -20.08 -16.25 21.08
C SER E 21 -19.20 -15.06 21.42
N CYS E 22 -19.10 -14.13 20.45
CA CYS E 22 -18.39 -12.88 20.64
C CYS E 22 -18.96 -11.88 19.63
N LYS E 23 -19.83 -11.00 20.10
CA LYS E 23 -20.56 -10.07 19.24
C LYS E 23 -20.08 -8.65 19.47
N ALA E 24 -19.70 -7.96 18.40
CA ALA E 24 -19.14 -6.63 18.47
C ALA E 24 -20.02 -5.62 17.74
N SER E 25 -20.02 -4.39 18.24
CA SER E 25 -20.75 -3.30 17.61
C SER E 25 -20.15 -1.99 18.09
N GLY E 26 -20.38 -0.93 17.31
CA GLY E 26 -19.88 0.38 17.60
C GLY E 26 -18.78 0.82 16.66
N TYR E 27 -18.01 -0.12 16.11
CA TYR E 27 -17.00 0.17 15.11
C TYR E 27 -17.34 -0.58 13.83
N THR E 28 -16.62 -0.23 12.77
CA THR E 28 -16.75 -0.94 11.50
C THR E 28 -16.02 -2.27 11.64
N PHE E 29 -16.79 -3.37 11.63
CA PHE E 29 -16.28 -4.70 11.96
C PHE E 29 -15.25 -5.22 10.98
N THR E 30 -15.19 -4.68 9.77
CA THR E 30 -14.32 -5.21 8.74
C THR E 30 -12.96 -4.54 8.70
N ASP E 31 -12.71 -3.54 9.55
CA ASP E 31 -11.42 -2.86 9.57
C ASP E 31 -10.40 -3.53 10.47
N TYR E 32 -10.80 -4.53 11.25
CA TYR E 32 -9.90 -5.22 12.17
C TYR E 32 -10.21 -6.71 12.15
N GLY E 33 -9.29 -7.50 12.70
CA GLY E 33 -9.48 -8.92 12.86
C GLY E 33 -10.15 -9.25 14.17
N LEU E 34 -10.00 -10.51 14.59
CA LEU E 34 -10.44 -10.97 15.89
C LEU E 34 -9.49 -12.05 16.37
N ASN E 35 -8.95 -11.87 17.56
CA ASN E 35 -8.00 -12.81 18.15
C ASN E 35 -8.63 -13.42 19.38
N TRP E 36 -8.69 -14.73 19.44
CA TRP E 36 -9.25 -15.45 20.57
C TRP E 36 -8.14 -15.83 21.53
N VAL E 37 -8.40 -15.71 22.83
CA VAL E 37 -7.38 -15.85 23.85
C VAL E 37 -7.89 -16.80 24.92
N LYS E 38 -7.13 -17.85 25.20
CA LYS E 38 -7.47 -18.80 26.24
C LYS E 38 -6.59 -18.56 27.45
N GLN E 39 -7.21 -18.39 28.62
CA GLN E 39 -6.48 -18.16 29.86
C GLN E 39 -6.84 -19.28 30.82
N ALA E 40 -5.87 -20.14 31.10
CA ALA E 40 -6.04 -21.15 32.13
C ALA E 40 -6.06 -20.49 33.50
N PRO E 41 -6.63 -21.15 34.52
CA PRO E 41 -6.60 -20.57 35.87
C PRO E 41 -5.19 -20.53 36.43
N GLY E 42 -4.68 -19.31 36.61
CA GLY E 42 -3.40 -19.12 37.26
C GLY E 42 -2.19 -19.07 36.34
N LYS E 43 -2.39 -18.99 35.03
CA LYS E 43 -1.28 -18.98 34.10
C LYS E 43 -1.35 -17.75 33.20
N GLY E 44 -0.52 -17.71 32.16
CA GLY E 44 -0.52 -16.61 31.22
C GLY E 44 -1.67 -16.69 30.23
N LEU E 45 -1.44 -16.13 29.05
CA LEU E 45 -2.42 -16.17 27.97
C LEU E 45 -1.79 -16.87 26.77
N LYS E 46 -2.59 -17.68 26.09
CA LYS E 46 -2.17 -18.32 24.85
C LYS E 46 -3.08 -17.85 23.74
N TRP E 47 -2.51 -17.18 22.75
CA TRP E 47 -3.25 -16.70 21.60
C TRP E 47 -3.76 -17.91 20.81
N MET E 48 -5.07 -18.13 20.80
CA MET E 48 -5.62 -19.31 20.15
C MET E 48 -5.50 -19.20 18.64
N GLY E 49 -5.69 -18.03 18.10
CA GLY E 49 -5.60 -17.85 16.67
C GLY E 49 -6.53 -16.75 16.22
N TRP E 50 -6.21 -16.20 15.06
CA TRP E 50 -6.93 -15.04 14.57
C TRP E 50 -7.80 -15.44 13.39
N ILE E 51 -8.96 -14.80 13.28
CA ILE E 51 -9.90 -15.01 12.19
C ILE E 51 -10.15 -13.67 11.51
N ASN E 52 -10.03 -13.65 10.18
CA ASN E 52 -10.32 -12.44 9.44
C ASN E 52 -11.81 -12.18 9.43
N THR E 53 -12.20 -10.93 9.69
CA THR E 53 -13.61 -10.57 9.78
C THR E 53 -14.17 -10.08 8.45
N TYR E 54 -13.63 -10.55 7.34
CA TYR E 54 -14.26 -10.25 6.07
C TYR E 54 -14.64 -11.51 5.30
N SER E 55 -13.79 -12.52 5.29
CA SER E 55 -14.05 -13.72 4.51
C SER E 55 -14.33 -14.94 5.35
N GLY E 56 -14.16 -14.86 6.66
CA GLY E 56 -14.33 -16.02 7.50
C GLY E 56 -13.21 -17.03 7.43
N GLU E 57 -12.03 -16.63 6.96
CA GLU E 57 -10.91 -17.54 6.85
C GLU E 57 -10.18 -17.64 8.19
N PRO E 58 -10.18 -18.78 8.86
CA PRO E 58 -9.51 -18.89 10.15
C PRO E 58 -8.02 -19.14 9.99
N THR E 59 -7.30 -18.88 11.08
CA THR E 59 -5.89 -19.19 11.18
C THR E 59 -5.61 -19.56 12.62
N TYR E 60 -5.04 -20.73 12.85
CA TYR E 60 -4.88 -21.24 14.20
C TYR E 60 -3.43 -21.18 14.65
N ASN E 61 -3.24 -20.89 15.94
CA ASN E 61 -2.01 -21.30 16.60
C ASN E 61 -1.93 -22.81 16.49
N ASP E 62 -0.87 -23.30 15.85
CA ASP E 62 -0.80 -24.72 15.51
C ASP E 62 -0.60 -25.64 16.69
N GLU E 63 -0.44 -25.11 17.91
CA GLU E 63 -0.69 -25.92 19.09
C GLU E 63 -2.15 -26.34 19.14
N PHE E 64 -3.06 -25.44 18.78
CA PHE E 64 -4.50 -25.75 18.80
C PHE E 64 -4.98 -26.12 17.40
N ARG E 65 -4.36 -27.15 16.84
CA ARG E 65 -4.53 -27.41 15.41
C ARG E 65 -5.84 -28.11 15.07
N GLY E 66 -6.22 -29.13 15.84
CA GLY E 66 -7.49 -29.79 15.67
C GLY E 66 -8.47 -29.33 16.74
N ARG E 67 -9.70 -29.84 16.63
CA ARG E 67 -10.80 -29.71 17.59
C ARG E 67 -11.36 -28.31 17.76
N PHE E 68 -10.78 -27.28 17.13
CA PHE E 68 -11.24 -25.91 17.30
C PHE E 68 -11.65 -25.35 15.95
N ALA E 69 -12.67 -24.50 15.93
CA ALA E 69 -13.13 -23.89 14.70
C ALA E 69 -13.67 -22.51 15.01
N PHE E 70 -13.29 -21.53 14.21
CA PHE E 70 -13.74 -20.15 14.37
C PHE E 70 -14.76 -19.88 13.29
N SER E 71 -16.04 -19.93 13.64
CA SER E 71 -17.06 -19.57 12.67
C SER E 71 -17.15 -18.06 12.54
N LEU E 72 -17.91 -17.61 11.54
CA LEU E 72 -18.15 -16.19 11.38
C LEU E 72 -19.48 -15.99 10.67
N GLU E 73 -20.38 -15.24 11.30
CA GLU E 73 -21.61 -14.75 10.68
C GLU E 73 -21.45 -13.25 10.49
N THR E 74 -21.70 -12.78 9.27
CA THR E 74 -21.30 -11.42 8.92
C THR E 74 -22.40 -10.40 9.15
N SER E 75 -23.64 -10.74 8.79
CA SER E 75 -24.76 -9.80 8.98
C SER E 75 -25.10 -9.65 10.45
N THR E 76 -25.43 -10.76 11.11
CA THR E 76 -25.48 -10.79 12.58
C THR E 76 -24.06 -10.96 13.06
N ILE E 77 -23.46 -9.87 13.54
CA ILE E 77 -22.03 -9.78 13.80
C ILE E 77 -21.68 -10.69 14.98
N THR E 78 -21.01 -11.80 14.70
CA THR E 78 -20.71 -12.83 15.69
C THR E 78 -19.54 -13.69 15.20
N ALA E 79 -18.59 -14.01 16.07
CA ALA E 79 -17.60 -15.05 15.80
C ALA E 79 -17.77 -16.15 16.82
N TYR E 80 -18.05 -17.36 16.36
CA TYR E 80 -18.23 -18.51 17.23
C TYR E 80 -16.91 -19.25 17.41
N LEU E 81 -16.77 -19.97 18.51
CA LEU E 81 -15.63 -20.83 18.77
C LEU E 81 -16.15 -22.21 19.17
N LYS E 82 -16.04 -23.18 18.28
CA LYS E 82 -16.54 -24.52 18.52
C LYS E 82 -15.41 -25.37 19.09
N ILE E 83 -15.71 -26.19 20.09
CA ILE E 83 -14.71 -27.06 20.70
C ILE E 83 -15.21 -28.49 20.63
N ASN E 84 -14.55 -29.31 19.82
CA ASN E 84 -14.86 -30.73 19.73
C ASN E 84 -14.01 -31.51 20.71
N ASN E 85 -14.56 -32.62 21.21
CA ASN E 85 -13.87 -33.61 22.05
C ASN E 85 -13.30 -32.96 23.31
N LEU E 86 -14.22 -32.50 24.15
CA LEU E 86 -13.84 -31.84 25.39
C LEU E 86 -13.18 -32.83 26.34
N LYS E 87 -12.08 -32.39 26.95
CA LYS E 87 -11.29 -33.23 27.85
C LYS E 87 -11.19 -32.54 29.21
N ASN E 88 -10.44 -33.17 30.11
CA ASN E 88 -10.10 -32.54 31.38
C ASN E 88 -9.06 -31.44 31.20
N GLU E 89 -8.42 -31.36 30.04
CA GLU E 89 -7.47 -30.31 29.76
C GLU E 89 -8.13 -28.95 29.54
N ASP E 90 -9.28 -28.92 28.89
CA ASP E 90 -9.77 -27.73 28.23
C ASP E 90 -10.62 -26.82 29.11
N THR E 91 -10.48 -26.89 30.42
CA THR E 91 -11.19 -25.93 31.27
C THR E 91 -10.35 -24.67 31.45
N ALA E 92 -10.90 -23.54 31.01
CA ALA E 92 -10.23 -22.24 31.02
C ALA E 92 -11.26 -21.18 30.70
N THR E 93 -10.87 -19.93 30.90
CA THR E 93 -11.66 -18.79 30.45
C THR E 93 -11.24 -18.44 29.03
N TYR E 94 -12.20 -17.95 28.23
CA TYR E 94 -11.97 -17.73 26.80
C TYR E 94 -12.44 -16.33 26.44
N PHE E 95 -11.50 -15.41 26.27
CA PHE E 95 -11.82 -14.06 25.84
C PHE E 95 -11.97 -14.01 24.33
N CYS E 96 -12.30 -12.82 23.84
CA CYS E 96 -12.11 -12.49 22.43
C CYS E 96 -11.61 -11.07 22.39
N ALA E 97 -10.67 -10.80 21.49
CA ALA E 97 -10.02 -9.51 21.52
C ALA E 97 -9.78 -9.03 20.10
N ARG E 98 -9.89 -7.73 19.89
CA ARG E 98 -9.82 -7.16 18.55
C ARG E 98 -8.41 -6.65 18.30
N GLY E 99 -7.59 -7.47 17.65
CA GLY E 99 -6.26 -7.05 17.24
C GLY E 99 -6.26 -6.88 15.74
N GLY E 100 -5.68 -5.77 15.28
CA GLY E 100 -5.91 -5.29 13.94
C GLY E 100 -5.31 -6.17 12.85
N ASN E 101 -5.60 -5.78 11.61
CA ASN E 101 -5.08 -6.47 10.45
C ASN E 101 -3.72 -5.95 10.03
N TRP E 102 -3.18 -4.97 10.75
CA TRP E 102 -1.84 -4.46 10.49
C TRP E 102 -0.99 -4.27 11.73
N ASP E 103 -1.56 -4.18 12.92
CA ASP E 103 -0.81 -3.87 14.13
C ASP E 103 -0.61 -5.04 15.06
N TRP E 104 -1.68 -5.78 15.36
CA TRP E 104 -1.70 -6.94 16.26
C TRP E 104 -1.24 -6.56 17.68
N TYR E 105 -2.00 -5.67 18.30
CA TYR E 105 -2.06 -5.58 19.75
C TYR E 105 -3.52 -5.58 20.16
N PHE E 106 -3.84 -6.35 21.19
CA PHE E 106 -5.24 -6.60 21.51
C PHE E 106 -5.74 -5.50 22.42
N ASP E 107 -6.32 -4.44 21.85
CA ASP E 107 -6.74 -3.34 22.73
C ASP E 107 -8.12 -3.57 23.32
N VAL E 108 -9.12 -3.85 22.48
CA VAL E 108 -10.49 -4.03 22.93
C VAL E 108 -10.73 -5.48 23.27
N TRP E 109 -11.18 -5.75 24.48
CA TRP E 109 -11.30 -7.11 24.97
C TRP E 109 -12.75 -7.42 25.30
N GLY E 110 -12.98 -8.58 25.90
CA GLY E 110 -14.31 -9.02 26.26
C GLY E 110 -14.31 -9.65 27.63
N ALA E 111 -15.51 -9.83 28.16
CA ALA E 111 -15.68 -10.25 29.55
C ALA E 111 -15.25 -11.69 29.81
N GLY E 112 -15.20 -12.52 28.78
CA GLY E 112 -14.73 -13.88 28.97
C GLY E 112 -15.80 -14.84 29.44
N THR E 113 -15.83 -16.03 28.85
CA THR E 113 -16.78 -17.08 29.22
C THR E 113 -16.03 -18.25 29.81
N THR E 114 -16.19 -18.48 31.10
CA THR E 114 -15.54 -19.60 31.74
C THR E 114 -16.22 -20.89 31.32
N VAL E 115 -15.50 -21.74 30.60
CA VAL E 115 -15.95 -23.08 30.23
C VAL E 115 -15.36 -24.05 31.24
N THR E 116 -16.22 -24.78 31.94
CA THR E 116 -15.79 -25.72 32.97
C THR E 116 -16.22 -27.12 32.58
N VAL E 117 -15.32 -28.09 32.77
CA VAL E 117 -15.54 -29.47 32.36
C VAL E 117 -15.29 -30.38 33.56
N SER E 118 -16.32 -31.11 33.97
CA SER E 118 -16.20 -32.19 34.94
C SER E 118 -17.46 -33.05 34.86
N SER E 119 -17.30 -34.31 35.21
CA SER E 119 -18.44 -35.23 35.23
C SER E 119 -18.94 -35.42 36.65
C1 NAG F . 5.96 -20.54 10.45
C2 NAG F . 6.83 -21.77 10.16
C3 NAG F . 5.97 -23.00 9.86
C4 NAG F . 4.90 -23.22 10.92
C5 NAG F . 4.09 -21.93 11.11
C6 NAG F . 3.08 -22.00 12.22
C7 NAG F . 8.91 -22.07 8.89
C8 NAG F . 9.69 -21.68 7.68
N2 NAG F . 7.71 -21.49 9.04
O3 NAG F . 6.81 -24.16 9.81
O4 NAG F . 4.05 -24.26 10.46
O5 NAG F . 4.99 -20.87 11.44
O6 NAG F . 2.03 -21.05 12.04
O7 NAG F . 9.36 -22.86 9.72
C1 NAG F . 4.06 -25.42 11.33
C2 NAG F . 3.27 -26.53 10.65
C3 NAG F . 3.18 -27.74 11.57
C4 NAG F . 4.56 -28.16 12.10
C5 NAG F . 5.38 -26.97 12.59
C6 NAG F . 6.83 -27.31 12.84
C7 NAG F . 1.62 -25.65 9.06
C8 NAG F . 0.21 -25.22 8.86
N2 NAG F . 1.94 -26.07 10.29
O3 NAG F . 2.60 -28.83 10.84
O4 NAG F . 4.36 -29.01 13.22
O5 NAG F . 5.38 -25.89 11.62
O6 NAG F . 7.53 -27.50 11.61
O7 NAG F . 2.45 -25.62 8.16
C1 BMA F . 4.68 -30.38 12.90
C2 BMA F . 5.04 -31.10 14.22
C3 BMA F . 5.38 -32.55 13.93
C4 BMA F . 4.27 -33.26 13.11
C5 BMA F . 3.85 -32.42 11.87
C6 BMA F . 2.62 -32.96 11.18
O2 BMA F . 3.93 -31.12 15.10
O3 BMA F . 5.65 -33.27 15.13
O4 BMA F . 4.74 -34.53 12.67
O5 BMA F . 3.57 -31.05 12.29
O6 BMA F . 2.42 -32.24 9.99
#